data_1NU9
#
_entry.id   1NU9
#
_cell.length_a   181.160
_cell.length_b   102.340
_cell.length_c   135.540
_cell.angle_alpha   90.00
_cell.angle_beta   129.91
_cell.angle_gamma   90.00
#
_symmetry.space_group_name_H-M   'C 1 2 1'
#
loop_
_entity.id
_entity.type
_entity.pdbx_description
1 polymer 'Thrombin light and heavy chains'
2 polymer Staphylocoagulase
3 non-polymer N-(sulfanylacetyl)-D-phenylalanyl-N-[(2S,3S)-6-{[amino(iminio)methyl]amino}-1-chloro-2-hydroxyhexan-3-yl]-L-prolinamide
4 non-polymer 'MERCURY (II) ION'
5 non-polymer IMIDAZOLE
6 water water
#
loop_
_entity_poly.entity_id
_entity_poly.type
_entity_poly.pdbx_seq_one_letter_code
_entity_poly.pdbx_strand_id
1 'polypeptide(L)'
;GEADCGLRPLFEKKSLEDKTERELLESYIDGRIVEGSDAEIGMSPWQVMLFRKSPQELLCGASLISDRWVLTAAHCLLYP
PWDKNFTENDLLVRIGKHSRTRYERNIEKISMLEKIYIHPRYNWRENLDRDIALMKLKKPVAFSDYIHPVCLPDRETAAS
LLQAGYKGRVTGWGNLKETWTANVGKGQPSVLQVVNLPIVERPVCKDSTRIRITDNMFCAGYKPDEGKRGDACEGDSGGP
FVMKSPFNNRWYQMGIVSWGEGCDRDGKYGFYTHVFRLKKWIQKVIDQFGE
;
A,D
2 'polypeptide(L)'
;IVTKDYSKESRVNENSKYGTLISDWYLKGRLTSLESQFINALGILETYHYGEKEYKDAKDKLMTRILGEDQYLLERKKVQ
YEEYKKLYKKYKEENPTSKVKMKTFDQYTIEDLTMREYNELTESLKSAVKDFEKDVEIIENQHHDLKPFTDEMEEKATAR
VDDLANKAYSVYFAFVRDTQHKTEALELKAKVDLVLGDEDKPHRISNERIEKEMIKDLESIIEDFFIETGLNKPDNITSY
DSSKHHYKNHSEGFEALVKETREAVTNANDSWKTKTVKKYG
;
C,F
#
loop_
_chem_comp.id
_chem_comp.type
_chem_comp.name
_chem_comp.formula
0ZJ peptide-like N-(sulfanylacetyl)-D-phenylalanyl-N-[(2S,3S)-6-{[amino(iminio)methyl]amino}-1-chloro-2-hydroxyhexan-3-yl]-L-prolinamide 'C23 H36 Cl N6 O4 S 1'
HG non-polymer 'MERCURY (II) ION' 'Hg 2'
IMD non-polymer IMIDAZOLE 'C3 H5 N2 1'
#
# COMPACT_ATOMS: atom_id res chain seq x y z
N GLY A 1 -10.78 -52.21 -31.59
CA GLY A 1 -11.64 -52.36 -30.35
C GLY A 1 -10.82 -52.63 -29.10
N GLU A 2 -11.32 -53.47 -28.21
CA GLU A 2 -10.59 -53.81 -26.99
C GLU A 2 -9.30 -54.55 -27.34
N ALA A 3 -9.44 -55.58 -28.16
CA ALA A 3 -8.30 -56.40 -28.58
C ALA A 3 -7.30 -55.60 -29.38
N ASP A 4 -7.80 -54.64 -30.14
CA ASP A 4 -6.98 -53.83 -31.01
C ASP A 4 -6.43 -52.56 -30.36
N CYS A 5 -6.64 -52.39 -29.05
CA CYS A 5 -6.18 -51.18 -28.35
C CYS A 5 -4.69 -50.91 -28.45
N GLY A 6 -4.35 -49.63 -28.40
CA GLY A 6 -2.97 -49.21 -28.40
C GLY A 6 -2.16 -49.29 -29.67
N LEU A 7 -2.72 -49.88 -30.72
CA LEU A 7 -2.05 -50.01 -32.02
C LEU A 7 -2.61 -48.97 -32.98
N ARG A 8 -1.82 -47.94 -33.29
CA ARG A 8 -2.28 -46.85 -34.15
C ARG A 8 -2.39 -47.09 -35.66
N PRO A 9 -3.59 -46.88 -36.21
CA PRO A 9 -3.85 -47.06 -37.64
C PRO A 9 -2.80 -46.45 -38.57
N LEU A 10 -2.36 -45.24 -38.25
CA LEU A 10 -1.40 -44.54 -39.08
C LEU A 10 0.07 -44.79 -38.74
N PHE A 11 0.30 -45.59 -37.71
CA PHE A 11 1.66 -45.91 -37.30
C PHE A 11 1.91 -47.43 -37.17
N GLU A 12 1.83 -48.00 -35.97
CA GLU A 12 2.06 -49.43 -35.80
C GLU A 12 1.44 -50.26 -36.91
N LYS A 13 0.16 -50.05 -37.21
CA LYS A 13 -0.54 -50.80 -38.26
C LYS A 13 0.02 -50.62 -39.66
N LYS A 14 0.95 -49.69 -39.83
CA LYS A 14 1.55 -49.44 -41.14
C LYS A 14 3.06 -49.57 -41.00
N SER A 15 3.49 -50.07 -39.84
CA SER A 15 4.91 -50.24 -39.55
C SER A 15 5.67 -48.94 -39.71
N LEU A 16 5.04 -47.84 -39.30
CA LEU A 16 5.67 -46.54 -39.36
C LEU A 16 5.88 -46.08 -37.92
N GLU A 17 6.99 -45.39 -37.66
CA GLU A 17 7.26 -44.89 -36.32
C GLU A 17 7.03 -43.38 -36.34
N ASP A 18 6.62 -42.81 -35.21
CA ASP A 18 6.42 -41.37 -35.18
C ASP A 18 7.80 -40.81 -34.87
N LYS A 19 7.98 -39.50 -35.09
CA LYS A 19 9.26 -38.85 -34.89
C LYS A 19 9.98 -38.87 -33.52
N THR A 20 9.30 -39.07 -32.40
CA THR A 20 10.02 -39.04 -31.11
C THR A 20 9.91 -40.34 -30.33
N GLU A 21 9.12 -41.24 -30.87
CA GLU A 21 8.87 -42.55 -30.32
C GLU A 21 10.16 -43.18 -29.76
N ARG A 22 11.23 -43.13 -30.56
CA ARG A 22 12.50 -43.71 -30.17
C ARG A 22 13.09 -43.06 -28.91
N GLU A 23 12.68 -41.83 -28.60
CA GLU A 23 13.18 -41.15 -27.41
C GLU A 23 12.66 -41.81 -26.13
N LEU A 24 11.66 -42.68 -26.27
CA LEU A 24 11.10 -43.36 -25.11
C LEU A 24 11.83 -44.69 -24.85
N LEU A 25 12.66 -45.12 -25.80
CA LEU A 25 13.43 -46.36 -25.66
C LEU A 25 14.64 -46.12 -24.77
N GLU A 26 15.02 -47.16 -24.03
CA GLU A 26 16.17 -47.09 -23.13
C GLU A 26 17.43 -46.54 -23.78
N SER A 27 17.61 -46.86 -25.06
CA SER A 27 18.78 -46.38 -25.77
C SER A 27 18.51 -45.04 -26.43
N TYR A 28 19.08 -43.97 -25.88
CA TYR A 28 18.89 -42.65 -26.48
C TYR A 28 19.79 -41.56 -25.92
N ILE A 29 20.05 -40.55 -26.76
CA ILE A 29 20.91 -39.41 -26.40
C ILE A 29 20.20 -38.04 -26.37
N ASP A 30 19.88 -37.52 -27.56
CA ASP A 30 19.23 -36.22 -27.75
C ASP A 30 20.25 -35.10 -27.77
N GLY A 31 20.61 -34.67 -28.98
CA GLY A 31 21.58 -33.60 -29.12
C GLY A 31 21.33 -32.81 -30.38
N ARG A 32 21.84 -31.59 -30.41
CA ARG A 32 21.68 -30.70 -31.56
C ARG A 32 20.22 -30.67 -32.00
N ILE A 33 19.89 -31.63 -32.85
CA ILE A 33 18.53 -31.74 -33.38
C ILE A 33 17.52 -32.14 -32.30
N VAL A 34 16.53 -31.27 -32.12
CA VAL A 34 15.45 -31.48 -31.17
C VAL A 34 14.19 -31.38 -32.04
N GLU A 35 13.31 -32.39 -31.98
CA GLU A 35 12.10 -32.39 -32.79
C GLU A 35 11.01 -31.44 -32.27
N GLY A 36 10.14 -31.04 -33.18
CA GLY A 36 9.05 -30.12 -32.82
C GLY A 36 8.02 -30.68 -31.86
N SER A 37 7.23 -29.79 -31.28
CA SER A 37 6.21 -30.17 -30.33
C SER A 37 4.85 -30.44 -30.97
N ASP A 38 4.68 -30.05 -32.24
CA ASP A 38 3.42 -30.30 -32.96
C ASP A 38 3.29 -31.80 -33.15
N ALA A 39 2.10 -32.34 -32.84
CA ALA A 39 1.86 -33.75 -33.00
C ALA A 39 1.77 -34.11 -34.49
N GLU A 40 2.15 -35.33 -34.85
CA GLU A 40 2.02 -35.74 -36.25
C GLU A 40 0.58 -36.16 -36.41
N ILE A 41 0.03 -36.01 -37.61
CA ILE A 41 -1.35 -36.41 -37.80
C ILE A 41 -1.60 -37.88 -37.42
N GLY A 42 -2.61 -38.07 -36.56
CA GLY A 42 -3.00 -39.39 -36.11
C GLY A 42 -2.07 -40.05 -35.12
N MET A 43 -1.15 -39.30 -34.53
CA MET A 43 -0.21 -39.88 -33.57
C MET A 43 -0.76 -40.17 -32.15
N SER A 44 -1.94 -39.64 -31.83
CA SER A 44 -2.56 -39.87 -30.53
C SER A 44 -4.02 -40.01 -30.86
N PRO A 45 -4.39 -41.06 -31.59
CA PRO A 45 -5.78 -41.25 -31.99
C PRO A 45 -6.78 -41.49 -30.87
N TRP A 46 -6.30 -41.62 -29.65
CA TRP A 46 -7.18 -41.79 -28.50
C TRP A 46 -7.41 -40.42 -27.86
N GLN A 47 -6.80 -39.38 -28.43
CA GLN A 47 -6.92 -38.03 -27.88
C GLN A 47 -8.35 -37.53 -27.92
N VAL A 48 -8.83 -36.98 -26.80
CA VAL A 48 -10.19 -36.48 -26.79
C VAL A 48 -10.22 -35.07 -26.22
N MET A 49 -11.11 -34.27 -26.77
CA MET A 49 -11.24 -32.89 -26.34
C MET A 49 -12.53 -32.75 -25.52
N LEU A 50 -12.43 -32.29 -24.27
CA LEU A 50 -13.65 -32.08 -23.46
C LEU A 50 -14.01 -30.61 -23.72
N PHE A 51 -15.17 -30.39 -24.30
CA PHE A 51 -15.57 -29.04 -24.72
C PHE A 51 -16.84 -28.48 -24.06
N ARG A 52 -16.76 -27.28 -23.53
CA ARG A 52 -17.93 -26.65 -22.94
C ARG A 52 -18.73 -26.05 -24.08
N LYS A 53 -20.03 -26.35 -24.13
CA LYS A 53 -20.86 -25.86 -25.22
C LYS A 53 -21.14 -24.37 -25.25
N SER A 54 -21.33 -23.77 -24.07
CA SER A 54 -21.68 -22.35 -24.03
C SER A 54 -21.44 -21.70 -22.67
N PRO A 55 -20.56 -20.68 -22.62
CA PRO A 55 -19.85 -20.22 -23.82
C PRO A 55 -18.77 -21.21 -24.27
N GLN A 56 -18.64 -21.38 -25.58
CA GLN A 56 -17.66 -22.29 -26.17
C GLN A 56 -16.35 -22.18 -25.46
N GLU A 57 -15.79 -23.33 -25.10
CA GLU A 57 -14.52 -23.32 -24.41
C GLU A 57 -13.90 -24.73 -24.37
N LEU A 58 -12.61 -24.79 -24.67
CA LEU A 58 -11.87 -26.04 -24.62
C LEU A 58 -11.54 -26.16 -23.13
N LEU A 59 -12.20 -27.10 -22.46
CA LEU A 59 -11.98 -27.27 -21.02
C LEU A 59 -10.79 -28.11 -20.62
N CYS A 60 -10.71 -29.30 -21.19
CA CYS A 60 -9.71 -30.26 -20.81
C CYS A 60 -9.51 -31.29 -21.89
N GLY A 61 -8.54 -32.15 -21.64
CA GLY A 61 -8.31 -33.26 -22.54
C GLY A 61 -9.01 -34.46 -21.90
N ALA A 62 -8.93 -35.58 -22.60
CA ALA A 62 -9.55 -36.82 -22.17
C ALA A 62 -8.96 -37.86 -23.12
N SER A 63 -9.35 -39.13 -22.93
CA SER A 63 -8.86 -40.21 -23.78
C SER A 63 -9.96 -41.21 -24.06
N LEU A 64 -9.90 -41.84 -25.22
CA LEU A 64 -10.88 -42.84 -25.63
C LEU A 64 -10.37 -44.23 -25.22
N ILE A 65 -11.16 -44.95 -24.40
CA ILE A 65 -10.73 -46.30 -23.99
C ILE A 65 -11.60 -47.43 -24.53
N SER A 66 -12.67 -47.07 -25.24
CA SER A 66 -13.54 -48.06 -25.86
C SER A 66 -14.41 -47.26 -26.84
N ASP A 67 -15.28 -47.93 -27.59
CA ASP A 67 -16.11 -47.18 -28.52
C ASP A 67 -17.21 -46.43 -27.81
N ARG A 68 -17.32 -46.60 -26.50
CA ARG A 68 -18.37 -45.95 -25.73
C ARG A 68 -17.90 -45.24 -24.46
N TRP A 69 -16.62 -45.36 -24.14
CA TRP A 69 -16.12 -44.75 -22.92
C TRP A 69 -14.93 -43.80 -23.05
N VAL A 70 -15.04 -42.67 -22.36
CA VAL A 70 -13.98 -41.68 -22.35
C VAL A 70 -13.53 -41.42 -20.91
N LEU A 71 -12.21 -41.36 -20.74
CA LEU A 71 -11.59 -41.17 -19.45
C LEU A 71 -11.09 -39.75 -19.33
N THR A 72 -11.19 -39.16 -18.14
CA THR A 72 -10.69 -37.80 -17.94
C THR A 72 -10.40 -37.55 -16.47
N ALA A 73 -10.05 -36.32 -16.12
CA ALA A 73 -9.77 -35.98 -14.73
C ALA A 73 -11.08 -35.50 -14.13
N ALA A 74 -11.29 -35.86 -12.88
CA ALA A 74 -12.53 -35.47 -12.21
C ALA A 74 -12.60 -33.94 -12.04
N HIS A 75 -11.48 -33.32 -11.69
CA HIS A 75 -11.51 -31.88 -11.48
C HIS A 75 -11.87 -31.06 -12.72
N CYS A 76 -12.04 -31.70 -13.87
CA CYS A 76 -12.39 -30.98 -15.07
C CYS A 76 -13.89 -30.86 -15.10
N LEU A 77 -14.55 -31.75 -14.35
CA LEU A 77 -16.00 -31.75 -14.30
C LEU A 77 -16.48 -31.19 -12.97
N LEU A 78 -15.73 -31.46 -11.92
CA LEU A 78 -16.11 -31.03 -10.59
C LEU A 78 -14.98 -30.48 -9.75
N TYR A 79 -15.06 -29.20 -9.45
CA TYR A 79 -14.06 -28.56 -8.59
C TYR A 79 -14.74 -27.35 -7.98
N PRO A 80 -15.33 -27.54 -6.79
CA PRO A 80 -16.03 -26.50 -6.05
C PRO A 80 -15.27 -25.19 -5.84
N PRO A 81 -14.01 -25.25 -5.41
CA PRO A 81 -13.28 -23.99 -5.21
C PRO A 81 -13.22 -23.03 -6.39
N TRP A 82 -13.60 -23.49 -7.57
CA TRP A 82 -13.59 -22.65 -8.76
C TRP A 82 -15.01 -22.63 -9.26
N ASP A 83 -15.92 -23.10 -8.41
CA ASP A 83 -17.33 -23.18 -8.72
C ASP A 83 -17.53 -23.91 -10.04
N LYS A 84 -16.91 -25.08 -10.14
CA LYS A 84 -17.04 -25.88 -11.34
C LYS A 84 -17.84 -27.12 -11.02
N ASN A 85 -18.89 -27.37 -11.79
CA ASN A 85 -19.71 -28.55 -11.61
C ASN A 85 -20.54 -28.77 -12.87
N PHE A 86 -19.90 -29.27 -13.92
CA PHE A 86 -20.59 -29.48 -15.18
C PHE A 86 -21.43 -30.76 -15.20
N THR A 87 -22.56 -30.74 -15.91
CA THR A 87 -23.38 -31.94 -16.01
C THR A 87 -23.36 -32.36 -17.49
N GLU A 88 -23.84 -33.56 -17.79
CA GLU A 88 -23.81 -34.07 -19.15
C GLU A 88 -24.21 -33.09 -20.25
N ASN A 89 -25.32 -32.39 -20.09
CA ASN A 89 -25.80 -31.46 -21.12
C ASN A 89 -24.94 -30.21 -21.28
N ASP A 90 -24.05 -29.93 -20.35
CA ASP A 90 -23.20 -28.75 -20.48
C ASP A 90 -22.05 -28.93 -21.44
N LEU A 91 -21.81 -30.15 -21.90
CA LEU A 91 -20.68 -30.34 -22.80
C LEU A 91 -20.71 -31.41 -23.84
N LEU A 92 -19.61 -31.55 -24.55
CA LEU A 92 -19.50 -32.59 -25.54
C LEU A 92 -18.04 -32.97 -25.68
N VAL A 93 -17.77 -34.07 -26.38
CA VAL A 93 -16.40 -34.50 -26.54
C VAL A 93 -16.15 -34.44 -28.02
N ARG A 94 -14.93 -34.07 -28.39
CA ARG A 94 -14.57 -33.97 -29.80
C ARG A 94 -13.44 -34.95 -29.96
N ILE A 95 -13.66 -35.91 -30.82
CA ILE A 95 -12.70 -36.97 -31.00
C ILE A 95 -12.10 -36.96 -32.40
N GLY A 96 -10.84 -37.39 -32.48
CA GLY A 96 -10.14 -37.49 -33.75
C GLY A 96 -9.60 -36.18 -34.29
N LYS A 97 -9.50 -35.17 -33.43
CA LYS A 97 -9.04 -33.87 -33.88
C LYS A 97 -7.55 -33.65 -33.96
N HIS A 98 -7.17 -32.68 -34.78
CA HIS A 98 -5.76 -32.32 -34.93
C HIS A 98 -5.64 -30.83 -34.61
N SER A 99 -6.30 -29.99 -35.41
CA SER A 99 -6.26 -28.56 -35.12
C SER A 99 -7.47 -28.20 -34.26
N ARG A 100 -7.29 -27.35 -33.26
CA ARG A 100 -8.44 -26.99 -32.46
C ARG A 100 -9.15 -25.74 -32.97
N THR A 101 -8.59 -25.04 -33.94
CA THR A 101 -9.20 -23.77 -34.40
C THR A 101 -10.25 -23.90 -35.48
N ARG A 102 -10.52 -25.12 -35.91
CA ARG A 102 -11.51 -25.33 -36.94
C ARG A 102 -12.15 -26.67 -36.74
N TYR A 103 -13.34 -26.83 -37.30
CA TYR A 103 -14.09 -28.08 -37.26
C TYR A 103 -13.40 -28.89 -38.37
N GLU A 104 -13.03 -30.14 -38.11
CA GLU A 104 -12.35 -31.01 -39.13
C GLU A 104 -13.32 -32.10 -39.58
N ARG A 105 -14.22 -31.74 -40.49
CA ARG A 105 -15.29 -32.62 -40.92
C ARG A 105 -15.00 -34.03 -41.38
N ASN A 106 -13.81 -34.27 -41.92
CA ASN A 106 -13.51 -35.63 -42.43
C ASN A 106 -12.98 -36.57 -41.37
N ILE A 107 -12.43 -36.04 -40.30
CA ILE A 107 -11.85 -36.91 -39.28
C ILE A 107 -12.46 -36.76 -37.89
N GLU A 108 -13.03 -35.60 -37.61
CA GLU A 108 -13.62 -35.28 -36.31
C GLU A 108 -14.96 -35.95 -36.00
N LYS A 109 -15.16 -36.35 -34.74
CA LYS A 109 -16.44 -36.92 -34.33
C LYS A 109 -16.86 -36.24 -33.02
N ILE A 110 -18.09 -35.75 -32.98
CA ILE A 110 -18.62 -35.05 -31.82
C ILE A 110 -19.62 -35.96 -31.12
N SER A 111 -19.40 -36.22 -29.84
CA SER A 111 -20.32 -37.11 -29.14
C SER A 111 -20.98 -36.46 -27.97
N MET A 112 -22.27 -36.72 -27.87
CA MET A 112 -23.11 -36.25 -26.79
C MET A 112 -22.84 -37.25 -25.64
N LEU A 113 -22.78 -36.72 -24.43
CA LEU A 113 -22.52 -37.49 -23.23
C LEU A 113 -23.80 -38.07 -22.69
N GLU A 114 -23.78 -39.36 -22.39
CA GLU A 114 -24.95 -39.98 -21.81
C GLU A 114 -24.89 -39.83 -20.29
N LYS A 115 -23.73 -40.09 -19.68
CA LYS A 115 -23.61 -40.02 -18.23
C LYS A 115 -22.16 -39.82 -17.79
N ILE A 116 -21.98 -39.01 -16.76
CA ILE A 116 -20.67 -38.75 -16.21
C ILE A 116 -20.60 -39.52 -14.89
N TYR A 117 -19.45 -40.12 -14.63
CA TYR A 117 -19.20 -40.89 -13.39
C TYR A 117 -17.92 -40.40 -12.72
N ILE A 118 -18.06 -39.60 -11.67
CA ILE A 118 -16.92 -39.11 -10.95
C ILE A 118 -16.59 -40.08 -9.81
N HIS A 119 -15.31 -40.33 -9.58
CA HIS A 119 -14.94 -41.24 -8.53
C HIS A 119 -15.57 -40.75 -7.22
N PRO A 120 -16.34 -41.62 -6.55
CA PRO A 120 -16.97 -41.19 -5.29
C PRO A 120 -15.99 -40.78 -4.22
N ARG A 121 -14.75 -41.22 -4.29
CA ARG A 121 -13.80 -40.83 -3.28
C ARG A 121 -12.75 -39.85 -3.83
N TYR A 122 -13.16 -39.04 -4.81
CA TYR A 122 -12.32 -38.01 -5.41
C TYR A 122 -12.17 -36.97 -4.30
N ASN A 123 -10.95 -36.70 -3.89
CA ASN A 123 -10.67 -35.78 -2.80
C ASN A 123 -10.30 -34.38 -3.25
N TRP A 124 -11.28 -33.61 -3.75
CA TRP A 124 -11.00 -32.28 -4.22
C TRP A 124 -10.62 -31.21 -3.19
N ARG A 125 -11.09 -31.32 -1.95
CA ARG A 125 -10.73 -30.26 -1.02
C ARG A 125 -9.31 -30.36 -0.50
N GLU A 126 -8.66 -31.50 -0.73
CA GLU A 126 -7.30 -31.62 -0.21
C GLU A 126 -6.11 -31.78 -1.15
N ASN A 127 -6.12 -32.76 -2.04
CA ASN A 127 -4.93 -32.99 -2.85
C ASN A 127 -5.19 -33.63 -4.21
N LEU A 128 -6.45 -33.60 -4.63
CA LEU A 128 -6.89 -34.20 -5.86
C LEU A 128 -6.65 -35.71 -5.93
N ASP A 129 -6.60 -36.36 -4.77
CA ASP A 129 -6.44 -37.82 -4.73
C ASP A 129 -7.60 -38.44 -5.51
N ARG A 130 -7.30 -39.41 -6.34
CA ARG A 130 -8.30 -40.06 -7.17
C ARG A 130 -8.97 -39.10 -8.15
N ASP A 131 -8.17 -38.20 -8.73
CA ASP A 131 -8.67 -37.23 -9.70
C ASP A 131 -8.95 -38.01 -11.00
N ILE A 132 -10.15 -38.55 -11.14
CA ILE A 132 -10.47 -39.36 -12.31
C ILE A 132 -11.98 -39.46 -12.52
N ALA A 133 -12.40 -39.53 -13.77
CA ALA A 133 -13.80 -39.61 -14.07
C ALA A 133 -14.01 -40.34 -15.39
N LEU A 134 -15.19 -40.90 -15.58
CA LEU A 134 -15.53 -41.61 -16.81
C LEU A 134 -16.73 -40.92 -17.42
N MET A 135 -16.85 -40.99 -18.74
CA MET A 135 -17.98 -40.38 -19.43
C MET A 135 -18.43 -41.39 -20.45
N LYS A 136 -19.68 -41.81 -20.35
CA LYS A 136 -20.23 -42.79 -21.25
C LYS A 136 -20.88 -42.05 -22.40
N LEU A 137 -20.54 -42.42 -23.63
CA LEU A 137 -21.12 -41.74 -24.79
C LEU A 137 -22.51 -42.31 -25.05
N LYS A 138 -23.43 -41.46 -25.50
CA LYS A 138 -24.78 -41.90 -25.77
C LYS A 138 -24.80 -42.99 -26.85
N LYS A 139 -23.91 -42.91 -27.82
CA LYS A 139 -23.82 -43.90 -28.89
C LYS A 139 -22.36 -44.32 -29.00
N PRO A 140 -22.11 -45.54 -29.48
CA PRO A 140 -20.68 -45.88 -29.56
C PRO A 140 -20.14 -45.16 -30.80
N VAL A 141 -18.91 -44.65 -30.74
CA VAL A 141 -18.36 -43.96 -31.89
C VAL A 141 -17.61 -44.96 -32.73
N ALA A 142 -17.59 -44.73 -34.03
CA ALA A 142 -16.91 -45.63 -34.92
C ALA A 142 -15.41 -45.29 -34.96
N PHE A 143 -14.57 -46.32 -35.06
CA PHE A 143 -13.13 -46.13 -35.15
C PHE A 143 -12.74 -45.80 -36.59
N SER A 144 -11.55 -45.23 -36.77
CA SER A 144 -11.08 -44.86 -38.10
C SER A 144 -9.61 -44.68 -37.92
N ASP A 145 -8.91 -44.15 -38.92
CA ASP A 145 -7.47 -43.93 -38.77
C ASP A 145 -7.15 -42.86 -37.76
N TYR A 146 -8.13 -42.03 -37.40
CA TYR A 146 -7.90 -40.91 -36.48
C TYR A 146 -8.48 -41.05 -35.07
N ILE A 147 -9.29 -42.09 -34.91
CA ILE A 147 -9.97 -42.39 -33.66
C ILE A 147 -9.77 -43.88 -33.33
N HIS A 148 -8.98 -44.13 -32.31
CA HIS A 148 -8.66 -45.50 -31.92
C HIS A 148 -8.42 -45.50 -30.43
N PRO A 149 -8.90 -46.53 -29.70
CA PRO A 149 -8.68 -46.55 -28.25
C PRO A 149 -7.26 -46.89 -27.80
N VAL A 150 -6.86 -46.37 -26.64
CA VAL A 150 -5.54 -46.64 -26.08
C VAL A 150 -5.76 -47.83 -25.12
N CYS A 151 -4.70 -48.51 -24.68
CA CYS A 151 -4.90 -49.63 -23.73
C CYS A 151 -4.71 -49.15 -22.30
N LEU A 152 -5.36 -49.82 -21.35
CA LEU A 152 -5.16 -49.46 -19.94
C LEU A 152 -4.22 -50.55 -19.43
N PRO A 153 -3.31 -50.20 -18.54
CA PRO A 153 -2.38 -51.23 -18.06
C PRO A 153 -2.96 -52.18 -17.00
N ASP A 154 -2.28 -53.31 -16.84
CA ASP A 154 -2.66 -54.25 -15.80
C ASP A 154 -1.53 -54.14 -14.75
N ARG A 155 -1.69 -54.86 -13.66
CA ARG A 155 -0.74 -54.84 -12.57
C ARG A 155 0.74 -54.92 -12.95
N GLU A 156 1.10 -55.86 -13.81
CA GLU A 156 2.50 -55.99 -14.16
C GLU A 156 3.02 -54.93 -15.13
N THR A 157 2.21 -54.57 -16.11
CA THR A 157 2.63 -53.54 -17.07
C THR A 157 2.96 -52.28 -16.27
N ALA A 158 2.12 -51.97 -15.27
CA ALA A 158 2.34 -50.79 -14.43
C ALA A 158 3.62 -50.94 -13.62
N ALA A 159 3.81 -52.13 -13.03
CA ALA A 159 5.01 -52.41 -12.25
C ALA A 159 6.29 -52.36 -13.12
N SER A 160 6.22 -52.83 -14.36
CA SER A 160 7.42 -52.79 -15.21
C SER A 160 7.64 -51.48 -15.96
N LEU A 161 6.57 -50.85 -16.45
CA LEU A 161 6.71 -49.58 -17.16
C LEU A 161 6.92 -48.36 -16.25
N LEU A 162 6.33 -48.34 -15.07
CA LEU A 162 6.48 -47.16 -14.22
C LEU A 162 7.71 -47.17 -13.36
N GLN A 163 8.87 -46.95 -13.97
CA GLN A 163 10.13 -46.93 -13.23
C GLN A 163 10.79 -45.58 -13.42
N ALA A 164 11.44 -45.11 -12.36
CA ALA A 164 12.14 -43.83 -12.40
C ALA A 164 12.99 -43.81 -13.64
N GLY A 165 13.02 -42.67 -14.34
CA GLY A 165 13.84 -42.54 -15.54
C GLY A 165 13.14 -42.91 -16.84
N TYR A 166 12.24 -43.90 -16.77
CA TYR A 166 11.49 -44.31 -17.95
C TYR A 166 10.63 -43.12 -18.36
N LYS A 167 10.52 -42.91 -19.67
CA LYS A 167 9.78 -41.79 -20.20
C LYS A 167 8.44 -42.15 -20.80
N GLY A 168 7.47 -41.26 -20.62
CA GLY A 168 6.15 -41.45 -21.19
C GLY A 168 5.84 -40.23 -22.03
N ARG A 169 4.68 -40.19 -22.65
CA ARG A 169 4.32 -39.06 -23.47
C ARG A 169 3.00 -38.44 -23.01
N VAL A 170 2.95 -37.11 -23.02
CA VAL A 170 1.76 -36.34 -22.66
C VAL A 170 1.37 -35.48 -23.84
N THR A 171 0.08 -35.43 -24.15
CA THR A 171 -0.40 -34.66 -25.27
C THR A 171 -1.56 -33.76 -24.87
N GLY A 172 -1.73 -32.67 -25.60
CA GLY A 172 -2.83 -31.78 -25.27
C GLY A 172 -2.77 -30.46 -26.00
N TRP A 173 -3.89 -29.72 -25.91
CA TRP A 173 -4.06 -28.40 -26.49
C TRP A 173 -4.00 -27.32 -25.42
N GLY A 174 -3.54 -27.64 -24.21
CA GLY A 174 -3.46 -26.65 -23.15
C GLY A 174 -2.43 -25.54 -23.35
N ASN A 175 -2.22 -24.71 -22.32
CA ASN A 175 -1.29 -23.59 -22.40
C ASN A 175 0.16 -23.97 -22.71
N LEU A 176 0.84 -23.08 -23.44
CA LEU A 176 2.24 -23.30 -23.84
C LEU A 176 3.25 -22.87 -22.80
N LYS A 177 2.80 -22.15 -21.78
CA LYS A 177 3.73 -21.67 -20.76
C LYS A 177 2.98 -21.13 -19.55
N GLU A 178 3.65 -21.08 -18.40
CA GLU A 178 3.05 -20.47 -17.23
C GLU A 178 3.15 -18.97 -17.57
N THR A 179 2.17 -18.17 -17.14
CA THR A 179 2.19 -16.73 -17.44
C THR A 179 2.41 -15.93 -16.16
N TRP A 180 2.78 -14.66 -16.26
CA TRP A 180 3.09 -13.91 -15.04
C TRP A 180 1.92 -13.56 -14.11
N THR A 181 0.70 -13.46 -14.63
CA THR A 181 -0.46 -13.27 -13.75
C THR A 181 -1.48 -14.21 -14.37
N ALA A 182 -2.34 -14.80 -13.52
CA ALA A 182 -3.37 -15.72 -14.01
C ALA A 182 -4.19 -15.03 -15.08
N ASN A 183 -4.26 -13.71 -14.96
CA ASN A 183 -5.03 -12.89 -15.90
C ASN A 183 -4.46 -12.77 -17.30
N VAL A 184 -3.14 -12.82 -17.44
CA VAL A 184 -2.53 -12.71 -18.77
C VAL A 184 -3.35 -13.53 -19.74
N GLY A 185 -3.83 -14.68 -19.28
CA GLY A 185 -4.65 -15.50 -20.16
C GLY A 185 -4.01 -16.79 -20.62
N LYS A 186 -4.52 -17.27 -21.76
CA LYS A 186 -4.08 -18.52 -22.34
C LYS A 186 -3.28 -18.40 -23.63
N GLY A 187 -2.06 -18.93 -23.60
CA GLY A 187 -1.21 -18.96 -24.79
C GLY A 187 -1.43 -20.36 -25.35
N GLN A 188 -2.35 -20.49 -26.31
CA GLN A 188 -2.70 -21.80 -26.85
C GLN A 188 -2.25 -22.13 -28.27
N PRO A 189 -2.00 -23.42 -28.52
CA PRO A 189 -1.56 -23.92 -29.82
C PRO A 189 -2.77 -24.15 -30.70
N SER A 190 -2.53 -24.29 -32.00
CA SER A 190 -3.64 -24.56 -32.90
C SER A 190 -3.62 -26.06 -33.14
N VAL A 191 -2.46 -26.65 -32.97
CA VAL A 191 -2.28 -28.09 -33.20
C VAL A 191 -1.90 -28.87 -31.95
N LEU A 192 -2.38 -30.11 -31.85
CA LEU A 192 -2.11 -30.95 -30.68
C LEU A 192 -0.63 -30.92 -30.36
N GLN A 193 -0.29 -30.68 -29.09
CA GLN A 193 1.11 -30.62 -28.67
C GLN A 193 1.53 -31.93 -27.97
N VAL A 194 2.82 -32.26 -28.09
CA VAL A 194 3.38 -33.48 -27.51
C VAL A 194 4.64 -33.15 -26.76
N VAL A 195 4.88 -33.89 -25.68
CA VAL A 195 6.10 -33.73 -24.92
C VAL A 195 6.36 -35.09 -24.25
N ASN A 196 7.60 -35.55 -24.23
CA ASN A 196 7.91 -36.82 -23.59
C ASN A 196 8.62 -36.48 -22.31
N LEU A 197 8.33 -37.19 -21.23
CA LEU A 197 8.94 -36.88 -19.95
C LEU A 197 9.25 -38.13 -19.15
N PRO A 198 10.24 -38.04 -18.27
CA PRO A 198 10.62 -39.19 -17.45
C PRO A 198 9.85 -39.29 -16.11
N ILE A 199 9.55 -40.50 -15.68
CA ILE A 199 8.90 -40.68 -14.40
C ILE A 199 9.99 -40.38 -13.39
N VAL A 200 9.67 -39.70 -12.29
CA VAL A 200 10.68 -39.42 -11.29
C VAL A 200 10.42 -40.22 -10.00
N GLU A 201 11.46 -40.52 -9.22
CA GLU A 201 11.30 -41.32 -8.01
C GLU A 201 10.36 -40.68 -6.99
N ARG A 202 9.51 -41.50 -6.37
CA ARG A 202 8.54 -41.00 -5.40
C ARG A 202 9.12 -40.08 -4.35
N PRO A 203 10.27 -40.41 -3.77
CA PRO A 203 10.79 -39.50 -2.76
C PRO A 203 11.03 -38.08 -3.30
N VAL A 204 11.38 -37.97 -4.58
CA VAL A 204 11.61 -36.65 -5.15
C VAL A 204 10.28 -35.96 -5.39
N CYS A 205 9.29 -36.72 -5.84
CA CYS A 205 7.97 -36.16 -6.08
C CYS A 205 7.45 -35.61 -4.77
N LYS A 206 7.56 -36.42 -3.72
CA LYS A 206 7.08 -36.05 -2.40
C LYS A 206 7.78 -34.82 -1.85
N ASP A 207 9.08 -34.76 -2.03
CA ASP A 207 9.83 -33.64 -1.50
C ASP A 207 9.70 -32.36 -2.33
N SER A 208 9.19 -32.50 -3.54
CA SER A 208 9.06 -31.35 -4.39
C SER A 208 7.86 -30.45 -4.08
N THR A 209 6.89 -30.97 -3.33
CA THR A 209 5.68 -30.20 -3.04
C THR A 209 5.18 -30.36 -1.61
N ARG A 210 4.43 -29.39 -1.11
CA ARG A 210 3.91 -29.50 0.24
C ARG A 210 2.50 -30.13 0.24
N ILE A 211 1.96 -30.33 -0.95
CA ILE A 211 0.67 -30.97 -1.08
C ILE A 211 0.93 -32.44 -0.77
N ARG A 212 0.02 -33.05 -0.05
CA ARG A 212 0.18 -34.45 0.34
C ARG A 212 -0.04 -35.38 -0.85
N ILE A 213 1.00 -36.03 -1.33
CA ILE A 213 0.77 -36.92 -2.46
C ILE A 213 0.42 -38.31 -1.95
N THR A 214 -0.31 -39.08 -2.76
CA THR A 214 -0.72 -40.43 -2.39
C THR A 214 -0.24 -41.44 -3.42
N ASP A 215 -0.48 -42.72 -3.13
CA ASP A 215 -0.09 -43.77 -4.03
C ASP A 215 -0.94 -43.80 -5.27
N ASN A 216 -1.99 -42.97 -5.32
CA ASN A 216 -2.83 -42.94 -6.51
C ASN A 216 -2.34 -41.90 -7.53
N MET A 217 -1.14 -41.39 -7.30
CA MET A 217 -0.52 -40.41 -8.18
C MET A 217 0.94 -40.80 -8.46
N PHE A 218 1.54 -40.16 -9.45
CA PHE A 218 2.97 -40.32 -9.74
C PHE A 218 3.34 -39.01 -10.41
N CYS A 219 4.60 -38.62 -10.37
CA CYS A 219 4.97 -37.38 -11.03
C CYS A 219 6.00 -37.64 -12.13
N ALA A 220 6.10 -36.69 -13.06
CA ALA A 220 7.03 -36.81 -14.17
C ALA A 220 7.58 -35.44 -14.55
N GLY A 221 8.81 -35.44 -15.04
CA GLY A 221 9.42 -34.18 -15.42
C GLY A 221 10.91 -34.30 -15.26
N TYR A 222 11.64 -33.38 -15.87
CA TYR A 222 13.10 -33.37 -15.77
C TYR A 222 13.47 -32.65 -14.51
N LYS A 223 14.62 -33.04 -13.95
CA LYS A 223 15.13 -32.46 -12.72
C LYS A 223 15.95 -31.22 -13.07
N PRO A 224 16.17 -30.32 -12.10
CA PRO A 224 16.95 -29.11 -12.37
C PRO A 224 18.20 -29.40 -13.19
N ASP A 225 19.06 -30.30 -12.72
CA ASP A 225 20.29 -30.59 -13.44
C ASP A 225 20.20 -31.55 -14.63
N GLU A 226 19.04 -31.61 -15.30
CA GLU A 226 18.92 -32.50 -16.45
C GLU A 226 18.91 -31.77 -17.79
N GLY A 227 18.80 -30.45 -17.76
CA GLY A 227 18.86 -29.71 -19.02
C GLY A 227 17.61 -29.68 -19.88
N LYS A 228 17.04 -30.85 -20.22
CA LYS A 228 15.81 -30.84 -21.01
C LYS A 228 14.72 -30.25 -20.12
N ARG A 229 13.64 -29.78 -20.72
CA ARG A 229 12.50 -29.19 -19.99
C ARG A 229 11.20 -29.76 -20.52
N GLY A 230 10.07 -29.27 -20.03
CA GLY A 230 8.80 -29.78 -20.52
C GLY A 230 7.83 -30.12 -19.42
N ASP A 231 6.54 -29.96 -19.70
CA ASP A 231 5.56 -30.24 -18.66
C ASP A 231 4.17 -30.07 -19.23
N ALA A 232 3.18 -30.53 -18.48
CA ALA A 232 1.79 -30.35 -18.88
C ALA A 232 1.45 -28.97 -18.27
N CYS A 233 0.26 -28.45 -18.56
CA CYS A 233 -0.09 -27.14 -18.02
C CYS A 233 -1.61 -26.97 -18.03
N GLU A 234 -2.07 -25.77 -17.68
CA GLU A 234 -3.50 -25.45 -17.62
C GLU A 234 -4.16 -25.90 -18.94
N GLY A 235 -5.32 -26.54 -18.85
CA GLY A 235 -6.00 -27.03 -20.03
C GLY A 235 -5.63 -28.45 -20.47
N ASP A 236 -4.50 -28.94 -19.99
CA ASP A 236 -4.05 -30.28 -20.35
C ASP A 236 -4.72 -31.39 -19.49
N SER A 237 -5.13 -31.03 -18.26
CA SER A 237 -5.80 -31.97 -17.34
C SER A 237 -6.75 -32.92 -18.08
N GLY A 238 -6.72 -34.19 -17.68
CA GLY A 238 -7.58 -35.15 -18.32
C GLY A 238 -6.87 -35.81 -19.48
N GLY A 239 -5.79 -35.19 -19.96
CA GLY A 239 -5.07 -35.77 -21.08
C GLY A 239 -4.28 -37.01 -20.65
N PRO A 240 -3.92 -37.90 -21.58
CA PRO A 240 -3.19 -39.10 -21.20
C PRO A 240 -1.67 -38.99 -21.14
N PHE A 241 -1.09 -39.76 -20.23
CA PHE A 241 0.35 -39.90 -20.11
C PHE A 241 0.43 -41.36 -20.60
N VAL A 242 0.94 -41.56 -21.82
CA VAL A 242 1.06 -42.90 -22.39
C VAL A 242 2.50 -43.42 -22.47
N MET A 243 2.60 -44.75 -22.50
CA MET A 243 3.87 -45.43 -22.59
C MET A 243 3.73 -46.58 -23.58
N LYS A 244 4.75 -46.72 -24.43
CA LYS A 244 4.76 -47.79 -25.42
C LYS A 244 5.44 -48.99 -24.78
N SER A 245 4.76 -50.13 -24.79
CA SER A 245 5.34 -51.32 -24.19
C SER A 245 6.28 -52.04 -25.15
N PRO A 246 7.52 -52.31 -24.70
CA PRO A 246 8.47 -53.00 -25.56
C PRO A 246 8.07 -54.48 -25.70
N PHE A 247 7.27 -54.98 -24.77
CA PHE A 247 6.79 -56.38 -24.80
C PHE A 247 5.83 -56.67 -25.95
N ASN A 248 4.93 -55.74 -26.26
CA ASN A 248 3.96 -55.97 -27.33
C ASN A 248 3.74 -54.82 -28.31
N ASN A 249 4.54 -53.77 -28.21
CA ASN A 249 4.44 -52.64 -29.12
C ASN A 249 3.15 -51.81 -29.03
N ARG A 250 2.40 -51.96 -27.93
CA ARG A 250 1.13 -51.23 -27.75
C ARG A 250 1.27 -50.02 -26.79
N TRP A 251 0.47 -48.99 -27.03
CA TRP A 251 0.49 -47.81 -26.16
C TRP A 251 -0.47 -48.02 -24.97
N TYR A 252 0.04 -47.73 -23.77
CA TYR A 252 -0.76 -47.90 -22.54
C TYR A 252 -0.91 -46.57 -21.82
N GLN A 253 -2.13 -46.27 -21.36
CA GLN A 253 -2.31 -45.02 -20.63
C GLN A 253 -2.02 -45.28 -19.19
N MET A 254 -0.85 -44.84 -18.75
CA MET A 254 -0.43 -45.03 -17.37
C MET A 254 -0.95 -43.93 -16.44
N GLY A 255 -1.25 -42.78 -17.02
CA GLY A 255 -1.69 -41.66 -16.21
C GLY A 255 -2.63 -40.69 -16.86
N ILE A 256 -3.09 -39.75 -16.05
CA ILE A 256 -4.00 -38.71 -16.46
C ILE A 256 -3.44 -37.41 -15.90
N VAL A 257 -3.25 -36.40 -16.77
CA VAL A 257 -2.74 -35.10 -16.31
C VAL A 257 -3.68 -34.63 -15.21
N SER A 258 -3.12 -34.37 -14.04
CA SER A 258 -3.95 -34.00 -12.90
C SER A 258 -3.67 -32.64 -12.32
N TRP A 259 -2.47 -32.42 -11.80
CA TRP A 259 -2.10 -31.14 -11.23
C TRP A 259 -0.58 -30.85 -11.24
N GLY A 260 -0.23 -29.67 -10.78
CA GLY A 260 1.15 -29.25 -10.69
C GLY A 260 1.15 -27.83 -10.14
N GLU A 261 2.31 -27.29 -9.84
CA GLU A 261 2.36 -25.95 -9.32
C GLU A 261 3.09 -25.10 -10.36
N GLY A 262 2.36 -24.20 -11.00
CA GLY A 262 2.95 -23.41 -12.07
C GLY A 262 3.04 -24.40 -13.23
N CYS A 263 3.94 -24.16 -14.17
CA CYS A 263 4.16 -25.06 -15.31
C CYS A 263 5.62 -24.98 -15.64
N ASP A 264 6.28 -26.13 -15.71
CA ASP A 264 7.70 -26.18 -16.04
C ASP A 264 8.63 -25.41 -15.12
N ARG A 265 8.28 -25.30 -13.85
CA ARG A 265 9.13 -24.62 -12.86
C ARG A 265 10.22 -25.58 -12.39
N ASP A 266 11.45 -25.08 -12.24
CA ASP A 266 12.56 -25.91 -11.80
C ASP A 266 12.32 -26.49 -10.39
N GLY A 267 12.57 -27.79 -10.23
CA GLY A 267 12.37 -28.45 -8.95
C GLY A 267 10.91 -28.76 -8.67
N LYS A 268 10.10 -28.64 -9.71
CA LYS A 268 8.66 -28.88 -9.63
C LYS A 268 8.31 -29.95 -10.70
N TYR A 269 7.34 -30.80 -10.41
CA TYR A 269 6.98 -31.86 -11.33
C TYR A 269 5.48 -31.94 -11.54
N GLY A 270 5.07 -32.38 -12.73
CA GLY A 270 3.66 -32.51 -13.02
C GLY A 270 3.18 -33.79 -12.35
N PHE A 271 1.94 -33.78 -11.83
CA PHE A 271 1.42 -34.97 -11.18
C PHE A 271 0.32 -35.58 -12.02
N TYR A 272 0.30 -36.90 -12.03
CA TYR A 272 -0.66 -37.62 -12.83
C TYR A 272 -1.43 -38.64 -12.02
N THR A 273 -2.69 -38.84 -12.38
CA THR A 273 -3.53 -39.81 -11.74
C THR A 273 -3.04 -41.18 -12.21
N HIS A 274 -2.69 -42.03 -11.26
CA HIS A 274 -2.17 -43.37 -11.51
C HIS A 274 -3.31 -44.28 -11.95
N VAL A 275 -3.39 -44.52 -13.25
CA VAL A 275 -4.45 -45.30 -13.84
C VAL A 275 -4.61 -46.75 -13.37
N PHE A 276 -3.53 -47.50 -13.23
CA PHE A 276 -3.67 -48.88 -12.79
C PHE A 276 -4.26 -48.93 -11.37
N ARG A 277 -3.79 -48.03 -10.52
CA ARG A 277 -4.26 -47.97 -9.15
C ARG A 277 -5.77 -47.75 -9.03
N LEU A 278 -6.39 -47.21 -10.07
CA LEU A 278 -7.84 -46.91 -10.06
C LEU A 278 -8.61 -47.75 -11.07
N LYS A 279 -8.00 -48.82 -11.52
CA LYS A 279 -8.62 -49.67 -12.51
C LYS A 279 -9.80 -50.49 -12.03
N LYS A 280 -9.82 -50.89 -10.76
CA LYS A 280 -10.97 -51.69 -10.34
C LYS A 280 -12.22 -50.81 -10.42
N TRP A 281 -12.10 -49.55 -10.03
CA TRP A 281 -13.23 -48.63 -10.11
C TRP A 281 -13.64 -48.50 -11.58
N ILE A 282 -12.68 -48.20 -12.47
CA ILE A 282 -12.99 -48.05 -13.90
C ILE A 282 -13.78 -49.29 -14.38
N GLN A 283 -13.22 -50.45 -14.10
CA GLN A 283 -13.86 -51.69 -14.51
C GLN A 283 -15.25 -51.89 -13.91
N LYS A 284 -15.44 -51.56 -12.63
CA LYS A 284 -16.76 -51.72 -12.02
C LYS A 284 -17.73 -50.84 -12.77
N VAL A 285 -17.35 -49.59 -13.01
CA VAL A 285 -18.23 -48.67 -13.72
C VAL A 285 -18.59 -49.20 -15.12
N ILE A 286 -17.59 -49.49 -15.95
CA ILE A 286 -17.89 -49.99 -17.29
C ILE A 286 -18.72 -51.28 -17.30
N ASP A 287 -18.47 -52.16 -16.33
CA ASP A 287 -19.19 -53.43 -16.25
C ASP A 287 -20.59 -53.29 -15.69
N GLN A 288 -20.81 -52.33 -14.79
CA GLN A 288 -22.14 -52.14 -14.25
C GLN A 288 -23.02 -51.37 -15.22
N PHE A 289 -22.50 -50.28 -15.78
CA PHE A 289 -23.27 -49.44 -16.72
C PHE A 289 -22.93 -49.70 -18.19
N GLY A 290 -23.87 -49.41 -19.08
CA GLY A 290 -23.65 -49.63 -20.51
C GLY A 290 -22.75 -50.81 -20.87
N ILE B 1 0.52 -27.79 -23.11
CA ILE B 1 1.85 -28.48 -23.06
C ILE B 1 2.99 -27.48 -23.21
N VAL B 2 3.95 -27.52 -22.30
CA VAL B 2 5.10 -26.62 -22.32
C VAL B 2 6.31 -27.41 -22.86
N THR B 3 6.90 -26.92 -23.95
CA THR B 3 8.06 -27.56 -24.55
C THR B 3 9.18 -26.57 -24.84
N LYS B 4 8.83 -25.32 -25.09
CA LYS B 4 9.84 -24.35 -25.41
C LYS B 4 10.33 -23.45 -24.31
N ASP B 5 11.52 -22.94 -24.58
CA ASP B 5 12.20 -22.05 -23.68
C ASP B 5 12.10 -20.66 -24.31
N TYR B 6 11.34 -19.78 -23.66
CA TYR B 6 11.13 -18.43 -24.15
C TYR B 6 11.97 -17.40 -23.37
N SER B 7 12.95 -17.86 -22.61
CA SER B 7 13.78 -16.97 -21.80
C SER B 7 14.71 -16.00 -22.53
N LYS B 8 14.88 -16.15 -23.82
CA LYS B 8 15.79 -15.22 -24.50
C LYS B 8 15.08 -14.61 -25.66
N GLU B 9 13.76 -14.53 -25.53
CA GLU B 9 12.91 -14.02 -26.57
C GLU B 9 12.40 -12.61 -26.27
N SER B 10 12.88 -12.01 -25.20
CA SER B 10 12.43 -10.68 -24.83
C SER B 10 13.28 -9.58 -25.44
N ARG B 11 12.63 -8.47 -25.82
CA ARG B 11 13.35 -7.33 -26.37
C ARG B 11 13.69 -6.32 -25.28
N VAL B 12 13.52 -6.67 -24.02
CA VAL B 12 13.84 -5.68 -22.99
C VAL B 12 15.34 -5.63 -22.76
N ASN B 13 15.90 -4.44 -22.67
CA ASN B 13 17.32 -4.28 -22.45
C ASN B 13 17.79 -4.72 -21.07
N GLU B 14 18.79 -5.56 -21.09
CA GLU B 14 19.47 -6.09 -19.92
C GLU B 14 19.59 -5.11 -18.74
N ASN B 15 19.95 -3.87 -19.01
CA ASN B 15 20.14 -2.89 -17.94
C ASN B 15 18.89 -2.13 -17.52
N SER B 16 17.81 -2.23 -18.29
CA SER B 16 16.60 -1.48 -17.92
C SER B 16 16.07 -1.73 -16.50
N LYS B 17 16.21 -2.94 -16.00
CA LYS B 17 15.69 -3.26 -14.69
C LYS B 17 16.44 -2.64 -13.53
N TYR B 18 17.65 -2.13 -13.78
CA TYR B 18 18.44 -1.51 -12.73
C TYR B 18 18.27 0.01 -12.63
N GLY B 19 17.37 0.55 -13.45
CA GLY B 19 17.14 1.99 -13.39
C GLY B 19 16.36 2.38 -12.15
N THR B 20 15.64 3.50 -12.24
CA THR B 20 14.85 4.00 -11.14
C THR B 20 13.53 3.26 -11.00
N LEU B 21 13.31 2.64 -9.84
CA LEU B 21 12.06 1.91 -9.61
C LEU B 21 10.94 2.92 -9.45
N ILE B 22 9.75 2.61 -9.96
CA ILE B 22 8.63 3.53 -9.81
C ILE B 22 7.86 3.30 -8.51
N SER B 23 7.36 4.40 -7.94
CA SER B 23 6.58 4.37 -6.71
C SER B 23 5.51 3.29 -6.74
N ASP B 24 5.40 2.54 -5.66
CA ASP B 24 4.43 1.46 -5.59
C ASP B 24 3.00 1.82 -6.03
N TRP B 25 2.50 2.98 -5.61
CA TRP B 25 1.14 3.38 -5.99
C TRP B 25 0.96 3.55 -7.50
N TYR B 26 1.99 4.02 -8.17
CA TYR B 26 1.91 4.20 -9.63
C TYR B 26 2.21 2.85 -10.34
N LEU B 27 2.99 2.00 -9.66
CA LEU B 27 3.38 0.68 -10.17
C LEU B 27 2.18 -0.16 -10.53
N LYS B 28 1.27 -0.26 -9.56
CA LYS B 28 0.10 -1.08 -9.77
C LYS B 28 -0.59 -0.77 -11.09
N GLY B 29 -0.69 0.50 -11.44
CA GLY B 29 -1.34 0.86 -12.68
C GLY B 29 -0.53 0.47 -13.90
N ARG B 30 0.80 0.54 -13.80
CA ARG B 30 1.61 0.13 -14.95
C ARG B 30 1.52 -1.40 -15.16
N LEU B 31 1.39 -2.18 -14.09
CA LEU B 31 1.30 -3.63 -14.24
C LEU B 31 -0.03 -3.99 -14.87
N THR B 32 -1.08 -3.26 -14.53
CA THR B 32 -2.39 -3.58 -15.10
C THR B 32 -2.39 -3.24 -16.57
N SER B 33 -1.70 -2.17 -16.93
CA SER B 33 -1.59 -1.78 -18.34
C SER B 33 -0.90 -2.94 -19.11
N LEU B 34 0.20 -3.43 -18.55
CA LEU B 34 0.92 -4.52 -19.20
C LEU B 34 0.01 -5.71 -19.38
N GLU B 35 -0.67 -6.08 -18.30
CA GLU B 35 -1.58 -7.22 -18.34
C GLU B 35 -2.57 -7.05 -19.48
N SER B 36 -3.10 -5.84 -19.60
CA SER B 36 -4.06 -5.55 -20.65
C SER B 36 -3.51 -5.69 -22.04
N GLN B 37 -2.27 -5.26 -22.23
CA GLN B 37 -1.64 -5.36 -23.55
C GLN B 37 -1.49 -6.82 -23.95
N PHE B 38 -1.03 -7.66 -23.02
CA PHE B 38 -0.91 -9.09 -23.31
C PHE B 38 -2.27 -9.68 -23.70
N ILE B 39 -3.30 -9.29 -22.96
CA ILE B 39 -4.63 -9.82 -23.24
C ILE B 39 -5.03 -9.44 -24.64
N ASN B 40 -4.84 -8.17 -24.99
CA ASN B 40 -5.20 -7.68 -26.31
C ASN B 40 -4.39 -8.39 -27.39
N ALA B 41 -3.09 -8.57 -27.15
CA ALA B 41 -2.23 -9.23 -28.14
C ALA B 41 -2.67 -10.68 -28.35
N LEU B 42 -2.89 -11.41 -27.26
CA LEU B 42 -3.35 -12.77 -27.42
C LEU B 42 -4.71 -12.82 -28.09
N GLY B 43 -5.52 -11.79 -27.89
CA GLY B 43 -6.83 -11.80 -28.50
C GLY B 43 -6.80 -11.65 -30.00
N ILE B 44 -5.86 -10.86 -30.50
CA ILE B 44 -5.74 -10.67 -31.93
C ILE B 44 -5.29 -12.01 -32.54
N LEU B 45 -4.42 -12.71 -31.83
CA LEU B 45 -3.88 -13.98 -32.28
C LEU B 45 -5.00 -15.01 -32.45
N GLU B 46 -5.88 -15.06 -31.46
CA GLU B 46 -7.00 -16.01 -31.44
C GLU B 46 -8.15 -15.69 -32.38
N THR B 47 -8.18 -14.49 -32.94
CA THR B 47 -9.27 -14.15 -33.84
C THR B 47 -9.57 -15.31 -34.79
N TYR B 48 -10.83 -15.68 -34.88
CA TYR B 48 -11.27 -16.78 -35.71
C TYR B 48 -10.74 -16.75 -37.13
N HIS B 49 -10.80 -15.57 -37.73
CA HIS B 49 -10.36 -15.35 -39.11
C HIS B 49 -8.97 -15.95 -39.39
N TYR B 50 -8.07 -15.82 -38.42
CA TYR B 50 -6.71 -16.33 -38.55
C TYR B 50 -6.50 -17.80 -38.24
N GLY B 51 -7.58 -18.55 -38.03
CA GLY B 51 -7.41 -19.95 -37.72
C GLY B 51 -7.23 -20.78 -38.98
N GLU B 52 -6.54 -20.23 -39.96
CA GLU B 52 -6.34 -20.94 -41.21
C GLU B 52 -4.86 -21.34 -41.25
N LYS B 53 -4.53 -22.44 -41.92
CA LYS B 53 -3.14 -22.92 -42.00
C LYS B 53 -2.17 -21.86 -42.52
N GLU B 54 -2.62 -21.02 -43.43
CA GLU B 54 -1.74 -19.99 -43.99
C GLU B 54 -1.26 -18.94 -42.99
N TYR B 55 -1.83 -18.87 -41.79
CA TYR B 55 -1.39 -17.86 -40.83
C TYR B 55 -0.51 -18.47 -39.76
N LYS B 56 -0.30 -19.78 -39.87
CA LYS B 56 0.47 -20.55 -38.90
C LYS B 56 1.78 -19.90 -38.47
N ASP B 57 2.62 -19.53 -39.44
CA ASP B 57 3.90 -18.94 -39.11
C ASP B 57 3.82 -17.50 -38.60
N ALA B 58 2.85 -16.76 -39.10
CA ALA B 58 2.69 -15.39 -38.66
C ALA B 58 2.32 -15.48 -37.18
N LYS B 59 1.43 -16.43 -36.86
CA LYS B 59 0.98 -16.63 -35.49
C LYS B 59 2.08 -17.14 -34.55
N ASP B 60 2.81 -18.16 -34.98
CA ASP B 60 3.89 -18.72 -34.15
C ASP B 60 4.84 -17.60 -33.81
N LYS B 61 5.08 -16.77 -34.81
CA LYS B 61 5.97 -15.65 -34.64
C LYS B 61 5.46 -14.66 -33.60
N LEU B 62 4.18 -14.30 -33.69
CA LEU B 62 3.62 -13.34 -32.74
C LEU B 62 3.58 -13.97 -31.34
N MET B 63 3.19 -15.25 -31.28
CA MET B 63 3.09 -15.99 -30.01
C MET B 63 4.42 -15.98 -29.32
N THR B 64 5.45 -16.28 -30.09
CA THR B 64 6.82 -16.31 -29.54
C THR B 64 7.23 -14.99 -28.95
N ARG B 65 6.72 -13.90 -29.52
CA ARG B 65 7.03 -12.55 -29.07
C ARG B 65 6.26 -12.24 -27.77
N ILE B 66 4.97 -12.60 -27.75
CA ILE B 66 4.14 -12.38 -26.56
C ILE B 66 4.66 -13.22 -25.40
N LEU B 67 4.91 -14.52 -25.63
CA LEU B 67 5.41 -15.37 -24.53
C LEU B 67 6.76 -14.92 -24.08
N GLY B 68 7.53 -14.37 -25.01
CA GLY B 68 8.84 -13.89 -24.63
C GLY B 68 8.75 -12.73 -23.67
N GLU B 69 7.80 -11.82 -23.86
CA GLU B 69 7.76 -10.70 -22.91
C GLU B 69 7.08 -11.16 -21.62
N ASP B 70 6.17 -12.12 -21.73
CA ASP B 70 5.51 -12.67 -20.56
C ASP B 70 6.58 -13.29 -19.70
N GLN B 71 7.44 -14.10 -20.34
CA GLN B 71 8.53 -14.76 -19.62
C GLN B 71 9.44 -13.75 -18.95
N TYR B 72 9.66 -12.62 -19.62
CA TYR B 72 10.52 -11.60 -19.00
C TYR B 72 9.96 -11.18 -17.62
N LEU B 73 8.66 -10.90 -17.60
CA LEU B 73 7.95 -10.46 -16.38
C LEU B 73 7.92 -11.63 -15.36
N LEU B 74 7.59 -12.83 -15.81
CA LEU B 74 7.59 -13.99 -14.92
C LEU B 74 8.97 -14.22 -14.27
N GLU B 75 10.05 -14.10 -15.05
CA GLU B 75 11.36 -14.29 -14.44
C GLU B 75 11.66 -13.17 -13.48
N ARG B 76 11.24 -11.95 -13.79
CA ARG B 76 11.44 -10.82 -12.87
C ARG B 76 10.70 -11.08 -11.55
N LYS B 77 9.48 -11.63 -11.63
CA LYS B 77 8.71 -11.93 -10.44
C LYS B 77 9.47 -12.97 -9.61
N LYS B 78 10.01 -13.98 -10.28
CA LYS B 78 10.72 -15.02 -9.56
C LYS B 78 11.93 -14.47 -8.84
N VAL B 79 12.71 -13.64 -9.53
CA VAL B 79 13.88 -13.09 -8.87
C VAL B 79 13.47 -12.23 -7.66
N GLN B 80 12.47 -11.39 -7.86
CA GLN B 80 12.03 -10.51 -6.79
C GLN B 80 11.39 -11.27 -5.59
N TYR B 81 10.68 -12.37 -5.87
CA TYR B 81 10.07 -13.14 -4.79
C TYR B 81 11.15 -13.72 -3.87
N GLU B 82 12.25 -14.16 -4.48
CA GLU B 82 13.36 -14.72 -3.72
C GLU B 82 13.92 -13.66 -2.79
N GLU B 83 14.04 -12.43 -3.28
CA GLU B 83 14.55 -11.35 -2.45
C GLU B 83 13.53 -11.00 -1.36
N TYR B 84 12.24 -11.06 -1.73
CA TYR B 84 11.17 -10.75 -0.81
C TYR B 84 11.23 -11.71 0.37
N LYS B 85 11.41 -12.99 0.07
CA LYS B 85 11.48 -14.02 1.09
C LYS B 85 12.57 -13.74 2.11
N LYS B 86 13.75 -13.36 1.64
CA LYS B 86 14.84 -13.06 2.55
C LYS B 86 14.50 -11.81 3.36
N LEU B 87 13.75 -10.89 2.77
CA LEU B 87 13.38 -9.66 3.47
C LEU B 87 12.37 -10.02 4.55
N TYR B 88 11.41 -10.86 4.18
CA TYR B 88 10.40 -11.28 5.16
C TYR B 88 11.09 -11.92 6.37
N LYS B 89 12.08 -12.75 6.11
CA LYS B 89 12.81 -13.43 7.17
C LYS B 89 13.46 -12.40 8.07
N LYS B 90 14.02 -11.36 7.47
CA LYS B 90 14.67 -10.33 8.26
C LYS B 90 13.63 -9.56 9.06
N TYR B 91 12.50 -9.26 8.44
CA TYR B 91 11.41 -8.54 9.11
C TYR B 91 10.98 -9.31 10.35
N LYS B 92 10.90 -10.63 10.23
CA LYS B 92 10.50 -11.47 11.35
C LYS B 92 11.54 -11.44 12.48
N GLU B 93 12.82 -11.46 12.15
CA GLU B 93 13.84 -11.39 13.20
C GLU B 93 13.76 -10.05 13.93
N GLU B 94 13.14 -9.03 13.32
CA GLU B 94 13.07 -7.70 13.93
C GLU B 94 11.75 -7.38 14.62
N ASN B 95 10.71 -8.11 14.25
CA ASN B 95 9.37 -7.95 14.85
C ASN B 95 8.90 -9.39 15.14
N PRO B 96 9.63 -10.11 16.01
CA PRO B 96 9.33 -11.50 16.40
C PRO B 96 7.92 -11.78 16.89
N THR B 97 7.22 -10.75 17.34
CA THR B 97 5.88 -10.94 17.84
C THR B 97 4.84 -10.68 16.75
N SER B 98 5.31 -10.41 15.52
CA SER B 98 4.38 -10.15 14.42
C SER B 98 3.70 -11.43 13.99
N LYS B 99 2.45 -11.30 13.56
CA LYS B 99 1.70 -12.47 13.11
C LYS B 99 1.51 -12.49 11.58
N VAL B 100 1.97 -11.45 10.88
CA VAL B 100 1.85 -11.37 9.42
C VAL B 100 2.49 -12.60 8.74
N LYS B 101 1.77 -13.16 7.77
CA LYS B 101 2.23 -14.34 7.06
C LYS B 101 2.93 -14.00 5.74
N MET B 102 3.95 -14.80 5.43
CA MET B 102 4.69 -14.60 4.20
C MET B 102 3.77 -14.92 3.02
N LYS B 103 3.77 -14.08 2.00
CA LYS B 103 2.96 -14.33 0.81
C LYS B 103 3.55 -15.51 0.06
N THR B 104 2.71 -16.26 -0.65
CA THR B 104 3.18 -17.41 -1.44
C THR B 104 3.60 -16.78 -2.78
N PHE B 105 4.28 -17.55 -3.63
CA PHE B 105 4.67 -16.99 -4.92
C PHE B 105 3.42 -16.54 -5.68
N ASP B 106 2.36 -17.34 -5.61
CA ASP B 106 1.16 -16.99 -6.36
C ASP B 106 0.42 -15.78 -5.82
N GLN B 107 0.63 -15.44 -4.56
CA GLN B 107 -0.02 -14.26 -4.00
C GLN B 107 0.86 -13.03 -4.25
N TYR B 108 2.16 -13.24 -4.27
CA TYR B 108 3.11 -12.17 -4.49
C TYR B 108 2.81 -11.48 -5.82
N THR B 109 3.24 -10.23 -5.92
CA THR B 109 3.07 -9.49 -7.16
C THR B 109 4.37 -8.72 -7.35
N ILE B 110 4.73 -8.44 -8.60
CA ILE B 110 5.97 -7.70 -8.87
C ILE B 110 6.02 -6.39 -8.06
N GLU B 111 7.12 -6.15 -7.36
CA GLU B 111 7.32 -4.93 -6.56
C GLU B 111 8.29 -3.93 -7.21
N ASP B 112 9.10 -4.40 -8.17
CA ASP B 112 10.10 -3.55 -8.82
C ASP B 112 9.92 -3.50 -10.31
N LEU B 113 9.85 -2.28 -10.85
CA LEU B 113 9.72 -2.10 -12.29
C LEU B 113 10.19 -0.68 -12.57
N THR B 114 10.82 -0.46 -13.72
CA THR B 114 11.30 0.87 -14.07
C THR B 114 10.51 1.28 -15.30
N MET B 115 10.45 2.58 -15.59
CA MET B 115 9.74 3.03 -16.79
C MET B 115 10.45 2.46 -18.03
N ARG B 116 11.77 2.38 -18.01
CA ARG B 116 12.45 1.80 -19.17
C ARG B 116 11.82 0.43 -19.46
N GLU B 117 11.72 -0.43 -18.44
CA GLU B 117 11.10 -1.77 -18.62
C GLU B 117 9.68 -1.70 -19.17
N TYR B 118 8.86 -0.85 -18.57
CA TYR B 118 7.46 -0.72 -18.99
C TYR B 118 7.42 -0.27 -20.45
N ASN B 119 8.16 0.79 -20.77
CA ASN B 119 8.20 1.31 -22.13
C ASN B 119 8.74 0.27 -23.14
N GLU B 120 9.80 -0.44 -22.77
CA GLU B 120 10.37 -1.44 -23.68
C GLU B 120 9.40 -2.63 -23.87
N LEU B 121 8.80 -3.09 -22.78
CA LEU B 121 7.84 -4.18 -22.89
C LEU B 121 6.71 -3.74 -23.80
N THR B 122 6.20 -2.55 -23.52
CA THR B 122 5.07 -2.01 -24.28
C THR B 122 5.37 -1.87 -25.75
N GLU B 123 6.55 -1.33 -26.04
CA GLU B 123 6.99 -1.12 -27.41
C GLU B 123 7.18 -2.46 -28.10
N SER B 124 7.75 -3.41 -27.38
CA SER B 124 7.97 -4.73 -27.98
C SER B 124 6.65 -5.39 -28.39
N LEU B 125 5.66 -5.41 -27.51
CA LEU B 125 4.39 -6.03 -27.90
C LEU B 125 3.76 -5.29 -29.06
N LYS B 126 3.89 -3.97 -29.07
CA LYS B 126 3.31 -3.13 -30.13
C LYS B 126 3.96 -3.46 -31.48
N SER B 127 5.27 -3.54 -31.46
CA SER B 127 6.04 -3.87 -32.66
C SER B 127 5.67 -5.29 -33.13
N ALA B 128 5.50 -6.19 -32.18
CA ALA B 128 5.15 -7.57 -32.52
C ALA B 128 3.78 -7.65 -33.17
N VAL B 129 2.83 -6.88 -32.64
CA VAL B 129 1.49 -6.88 -33.21
C VAL B 129 1.55 -6.25 -34.62
N LYS B 130 2.35 -5.20 -34.77
CA LYS B 130 2.50 -4.57 -36.07
C LYS B 130 3.06 -5.53 -37.09
N ASP B 131 4.10 -6.27 -36.72
CA ASP B 131 4.69 -7.24 -37.65
C ASP B 131 3.64 -8.27 -37.98
N PHE B 132 2.81 -8.63 -37.00
CA PHE B 132 1.80 -9.64 -37.27
C PHE B 132 0.83 -9.11 -38.30
N GLU B 133 0.44 -7.86 -38.15
CA GLU B 133 -0.50 -7.26 -39.08
C GLU B 133 0.06 -7.18 -40.52
N LYS B 134 1.36 -6.96 -40.64
CA LYS B 134 2.00 -6.93 -41.96
C LYS B 134 2.02 -8.33 -42.55
N ASP B 135 2.46 -9.29 -41.75
CA ASP B 135 2.50 -10.68 -42.22
C ASP B 135 1.14 -11.09 -42.72
N VAL B 136 0.10 -10.62 -42.03
CA VAL B 136 -1.27 -10.96 -42.39
C VAL B 136 -1.65 -10.34 -43.73
N GLU B 137 -1.29 -9.08 -43.92
CA GLU B 137 -1.60 -8.35 -45.16
C GLU B 137 -0.93 -9.02 -46.36
N ILE B 138 0.33 -9.42 -46.18
CA ILE B 138 1.05 -10.10 -47.23
C ILE B 138 0.34 -11.42 -47.52
N ILE B 139 0.05 -12.20 -46.47
CA ILE B 139 -0.64 -13.48 -46.64
C ILE B 139 -1.91 -13.35 -47.47
N GLU B 140 -2.72 -12.35 -47.16
CA GLU B 140 -4.00 -12.13 -47.81
C GLU B 140 -3.94 -11.61 -49.24
N ASN B 141 -2.78 -11.13 -49.66
CA ASN B 141 -2.63 -10.65 -51.03
C ASN B 141 -2.33 -11.83 -51.91
N GLN B 142 -1.61 -12.81 -51.37
CA GLN B 142 -1.27 -13.99 -52.13
C GLN B 142 -2.27 -15.16 -51.98
N HIS B 143 -3.43 -14.87 -51.37
CA HIS B 143 -4.47 -15.87 -51.18
C HIS B 143 -5.78 -15.09 -51.15
N HIS B 144 -6.33 -14.78 -52.31
CA HIS B 144 -7.55 -13.98 -52.36
C HIS B 144 -8.75 -14.47 -51.54
N ASP B 145 -8.85 -15.77 -51.30
CA ASP B 145 -9.97 -16.28 -50.54
C ASP B 145 -9.86 -15.95 -49.05
N LEU B 146 -8.71 -15.42 -48.63
CA LEU B 146 -8.47 -15.03 -47.25
C LEU B 146 -8.67 -13.52 -47.01
N LYS B 147 -8.80 -12.76 -48.10
CA LYS B 147 -8.98 -11.31 -48.04
C LYS B 147 -10.32 -10.97 -47.36
N PRO B 148 -10.32 -10.06 -46.37
CA PRO B 148 -11.60 -9.72 -45.72
C PRO B 148 -12.65 -9.22 -46.69
N PHE B 149 -13.91 -9.61 -46.46
CA PHE B 149 -15.01 -9.15 -47.30
C PHE B 149 -15.31 -7.69 -46.93
N THR B 150 -15.96 -6.95 -47.81
CA THR B 150 -16.41 -5.61 -47.44
C THR B 150 -17.63 -5.97 -46.56
N ASP B 151 -18.16 -5.00 -45.83
CA ASP B 151 -19.30 -5.24 -44.96
C ASP B 151 -20.49 -5.78 -45.73
N GLU B 152 -20.78 -5.22 -46.89
CA GLU B 152 -21.90 -5.73 -47.65
C GLU B 152 -21.64 -7.21 -48.04
N MET B 153 -20.44 -7.51 -48.53
CA MET B 153 -20.11 -8.89 -48.91
C MET B 153 -20.24 -9.85 -47.70
N GLU B 154 -19.75 -9.41 -46.54
CA GLU B 154 -19.85 -10.21 -45.33
C GLU B 154 -21.31 -10.45 -44.92
N GLU B 155 -22.16 -9.42 -45.05
CA GLU B 155 -23.54 -9.56 -44.68
C GLU B 155 -24.23 -10.59 -45.55
N LYS B 156 -23.95 -10.54 -46.85
CA LYS B 156 -24.58 -11.48 -47.77
C LYS B 156 -24.13 -12.91 -47.53
N ALA B 157 -22.85 -13.08 -47.23
CA ALA B 157 -22.27 -14.39 -46.97
C ALA B 157 -22.82 -14.93 -45.66
N THR B 158 -22.86 -14.07 -44.64
CA THR B 158 -23.36 -14.48 -43.35
C THR B 158 -24.84 -14.90 -43.44
N ALA B 159 -25.61 -14.28 -44.31
CA ALA B 159 -27.02 -14.66 -44.41
C ALA B 159 -27.17 -16.04 -45.05
N ARG B 160 -26.29 -16.36 -46.00
CA ARG B 160 -26.37 -17.66 -46.64
C ARG B 160 -26.06 -18.72 -45.57
N VAL B 161 -25.05 -18.46 -44.76
CA VAL B 161 -24.67 -19.41 -43.73
C VAL B 161 -25.78 -19.62 -42.69
N ASP B 162 -26.34 -18.51 -42.21
CA ASP B 162 -27.39 -18.57 -41.22
C ASP B 162 -28.62 -19.28 -41.75
N ASP B 163 -28.91 -19.07 -43.03
CA ASP B 163 -30.06 -19.72 -43.61
C ASP B 163 -29.87 -21.22 -43.67
N LEU B 164 -28.66 -21.67 -44.02
CA LEU B 164 -28.41 -23.10 -44.09
C LEU B 164 -28.52 -23.66 -42.69
N ALA B 165 -27.93 -22.97 -41.71
CA ALA B 165 -28.00 -23.45 -40.34
C ALA B 165 -29.45 -23.57 -39.86
N ASN B 166 -30.31 -22.64 -40.26
CA ASN B 166 -31.73 -22.67 -39.85
C ASN B 166 -32.47 -23.86 -40.47
N LYS B 167 -32.02 -24.32 -41.62
CA LYS B 167 -32.64 -25.49 -42.21
C LYS B 167 -32.19 -26.65 -41.31
N ALA B 168 -30.94 -26.60 -40.89
CA ALA B 168 -30.42 -27.64 -40.03
C ALA B 168 -31.28 -27.66 -38.77
N TYR B 169 -31.55 -26.48 -38.22
CA TYR B 169 -32.36 -26.40 -37.01
C TYR B 169 -33.76 -26.98 -37.22
N SER B 170 -34.30 -26.85 -38.42
CA SER B 170 -35.61 -27.42 -38.69
C SER B 170 -35.53 -28.94 -38.58
N VAL B 171 -34.51 -29.52 -39.22
CA VAL B 171 -34.35 -30.95 -39.15
C VAL B 171 -34.26 -31.35 -37.67
N TYR B 172 -33.41 -30.64 -36.93
CA TYR B 172 -33.25 -30.92 -35.51
C TYR B 172 -34.59 -30.90 -34.76
N PHE B 173 -35.42 -29.89 -35.02
CA PHE B 173 -36.70 -29.81 -34.33
C PHE B 173 -37.64 -30.91 -34.78
N ALA B 174 -37.54 -31.33 -36.04
CA ALA B 174 -38.42 -32.36 -36.53
C ALA B 174 -38.15 -33.75 -35.96
N PHE B 175 -36.98 -33.92 -35.34
CA PHE B 175 -36.66 -35.23 -34.80
C PHE B 175 -36.25 -35.25 -33.34
N VAL B 176 -36.19 -34.10 -32.70
CA VAL B 176 -35.80 -34.07 -31.30
C VAL B 176 -36.82 -34.79 -30.37
N ARG B 177 -38.06 -34.96 -30.83
CA ARG B 177 -39.06 -35.66 -30.00
C ARG B 177 -39.37 -37.05 -30.55
N ASP B 178 -38.49 -37.56 -31.39
CA ASP B 178 -38.67 -38.87 -31.99
C ASP B 178 -37.74 -39.84 -31.27
N THR B 179 -38.31 -40.70 -30.44
CA THR B 179 -37.50 -41.66 -29.66
C THR B 179 -36.43 -42.35 -30.49
N GLN B 180 -36.78 -42.78 -31.70
CA GLN B 180 -35.84 -43.46 -32.56
C GLN B 180 -34.64 -42.63 -33.02
N HIS B 181 -34.84 -41.33 -33.19
CA HIS B 181 -33.75 -40.48 -33.72
C HIS B 181 -33.28 -39.32 -32.87
N LYS B 182 -33.78 -39.24 -31.64
CA LYS B 182 -33.43 -38.17 -30.73
C LYS B 182 -31.94 -37.85 -30.57
N THR B 183 -31.11 -38.85 -30.36
CA THR B 183 -29.69 -38.61 -30.18
C THR B 183 -29.06 -37.96 -31.39
N GLU B 184 -29.42 -38.44 -32.58
CA GLU B 184 -28.89 -37.88 -33.81
C GLU B 184 -29.30 -36.43 -33.97
N ALA B 185 -30.54 -36.12 -33.55
CA ALA B 185 -31.06 -34.77 -33.66
C ALA B 185 -30.29 -33.87 -32.71
N LEU B 186 -30.14 -34.33 -31.48
CA LEU B 186 -29.44 -33.56 -30.46
C LEU B 186 -28.00 -33.26 -30.83
N GLU B 187 -27.33 -34.22 -31.46
CA GLU B 187 -25.93 -34.02 -31.85
C GLU B 187 -25.88 -33.02 -33.02
N LEU B 188 -26.86 -33.11 -33.91
CA LEU B 188 -27.00 -32.22 -35.05
C LEU B 188 -27.06 -30.79 -34.52
N LYS B 189 -27.97 -30.57 -33.57
CA LYS B 189 -28.10 -29.25 -32.97
C LYS B 189 -26.78 -28.83 -32.34
N ALA B 190 -26.19 -29.72 -31.56
CA ALA B 190 -24.94 -29.40 -30.89
C ALA B 190 -23.80 -29.14 -31.87
N LYS B 191 -23.80 -29.83 -33.00
CA LYS B 191 -22.74 -29.63 -33.99
C LYS B 191 -22.93 -28.34 -34.78
N VAL B 192 -24.18 -28.02 -35.08
CA VAL B 192 -24.48 -26.79 -35.78
C VAL B 192 -24.10 -25.63 -34.84
N ASP B 193 -24.41 -25.74 -33.55
CA ASP B 193 -24.04 -24.66 -32.64
C ASP B 193 -22.52 -24.53 -32.54
N LEU B 194 -21.83 -25.65 -32.52
CA LEU B 194 -20.38 -25.61 -32.39
C LEU B 194 -19.70 -24.88 -33.57
N VAL B 195 -20.05 -25.21 -34.80
CA VAL B 195 -19.38 -24.52 -35.90
C VAL B 195 -19.76 -23.04 -36.02
N LEU B 196 -20.98 -22.68 -35.65
CA LEU B 196 -21.41 -21.30 -35.73
C LEU B 196 -20.73 -20.42 -34.67
N GLY B 197 -20.50 -20.97 -33.48
CA GLY B 197 -19.92 -20.20 -32.39
C GLY B 197 -21.02 -19.75 -31.44
N ASP B 198 -20.68 -19.04 -30.38
CA ASP B 198 -21.68 -18.55 -29.42
C ASP B 198 -22.71 -17.65 -30.09
N GLU B 199 -23.99 -17.86 -29.79
CA GLU B 199 -25.03 -17.05 -30.42
C GLU B 199 -24.81 -15.55 -30.26
N ASP B 200 -24.26 -15.14 -29.12
CA ASP B 200 -24.03 -13.73 -28.86
C ASP B 200 -22.77 -13.13 -29.51
N LYS B 201 -21.93 -13.99 -30.09
CA LYS B 201 -20.71 -13.52 -30.77
C LYS B 201 -20.26 -14.66 -31.66
N PRO B 202 -21.04 -14.95 -32.70
CA PRO B 202 -20.71 -16.03 -33.63
C PRO B 202 -19.49 -15.74 -34.48
N HIS B 203 -18.85 -16.80 -34.99
CA HIS B 203 -17.69 -16.66 -35.85
C HIS B 203 -18.10 -15.86 -37.11
N ARG B 204 -17.37 -14.79 -37.39
CA ARG B 204 -17.73 -14.00 -38.58
C ARG B 204 -17.38 -14.74 -39.87
N ILE B 205 -18.23 -14.59 -40.86
CA ILE B 205 -18.03 -15.20 -42.18
C ILE B 205 -17.38 -14.03 -42.90
N SER B 206 -16.08 -13.86 -42.65
CA SER B 206 -15.36 -12.72 -43.16
C SER B 206 -14.56 -12.80 -44.46
N ASN B 207 -14.54 -13.96 -45.10
CA ASN B 207 -13.83 -14.07 -46.38
C ASN B 207 -14.44 -15.21 -47.13
N GLU B 208 -14.09 -15.34 -48.40
CA GLU B 208 -14.62 -16.40 -49.26
C GLU B 208 -14.36 -17.79 -48.75
N ARG B 209 -13.24 -17.97 -48.07
CA ARG B 209 -12.90 -19.29 -47.58
C ARG B 209 -13.80 -19.73 -46.45
N ILE B 210 -13.97 -18.87 -45.47
CA ILE B 210 -14.85 -19.19 -44.35
C ILE B 210 -16.28 -19.39 -44.87
N GLU B 211 -16.71 -18.60 -45.84
CA GLU B 211 -18.06 -18.82 -46.34
C GLU B 211 -18.17 -20.19 -47.00
N LYS B 212 -17.14 -20.52 -47.78
CA LYS B 212 -17.13 -21.80 -48.47
C LYS B 212 -17.02 -23.01 -47.53
N GLU B 213 -16.11 -22.94 -46.57
CA GLU B 213 -15.94 -24.07 -45.66
C GLU B 213 -17.08 -24.20 -44.63
N MET B 214 -17.63 -23.07 -44.21
CA MET B 214 -18.73 -23.09 -43.24
C MET B 214 -19.95 -23.71 -43.92
N ILE B 215 -20.17 -23.37 -45.19
CA ILE B 215 -21.28 -23.94 -45.93
C ILE B 215 -21.07 -25.46 -46.06
N LYS B 216 -19.87 -25.88 -46.49
CA LYS B 216 -19.63 -27.31 -46.60
C LYS B 216 -19.73 -28.03 -45.25
N ASP B 217 -19.26 -27.40 -44.17
CA ASP B 217 -19.33 -28.01 -42.84
C ASP B 217 -20.80 -28.20 -42.47
N LEU B 218 -21.60 -27.15 -42.64
CA LEU B 218 -23.02 -27.21 -42.33
C LEU B 218 -23.73 -28.27 -43.17
N GLU B 219 -23.49 -28.27 -44.48
CA GLU B 219 -24.09 -29.29 -45.33
C GLU B 219 -23.66 -30.69 -44.84
N SER B 220 -22.39 -30.86 -44.53
CA SER B 220 -21.90 -32.16 -44.07
C SER B 220 -22.54 -32.59 -42.76
N ILE B 221 -22.79 -31.64 -41.86
CA ILE B 221 -23.37 -31.94 -40.56
C ILE B 221 -24.81 -32.42 -40.73
N ILE B 222 -25.53 -31.80 -41.67
CA ILE B 222 -26.91 -32.18 -41.96
C ILE B 222 -26.88 -33.57 -42.60
N GLU B 223 -25.92 -33.79 -43.49
CA GLU B 223 -25.83 -35.08 -44.16
C GLU B 223 -25.43 -36.16 -43.15
N ASP B 224 -24.65 -35.79 -42.14
CA ASP B 224 -24.23 -36.75 -41.10
C ASP B 224 -25.53 -37.24 -40.44
N PHE B 225 -26.45 -36.32 -40.19
CA PHE B 225 -27.69 -36.70 -39.52
C PHE B 225 -28.44 -37.74 -40.32
N PHE B 226 -28.59 -37.51 -41.61
CA PHE B 226 -29.31 -38.48 -42.40
C PHE B 226 -28.55 -39.79 -42.56
N ILE B 227 -27.23 -39.72 -42.72
CA ILE B 227 -26.44 -40.94 -42.85
C ILE B 227 -26.62 -41.83 -41.60
N GLU B 228 -26.45 -41.24 -40.42
CA GLU B 228 -26.57 -41.96 -39.16
C GLU B 228 -27.96 -42.49 -38.75
N THR B 229 -29.03 -41.78 -39.09
CA THR B 229 -30.39 -42.21 -38.75
C THR B 229 -30.91 -43.16 -39.83
N GLY B 230 -30.24 -43.14 -40.98
CA GLY B 230 -30.65 -43.97 -42.10
C GLY B 230 -31.80 -43.36 -42.90
N LEU B 231 -32.10 -42.10 -42.64
CA LEU B 231 -33.19 -41.40 -43.33
C LEU B 231 -32.69 -40.67 -44.59
N ASN B 232 -33.59 -40.30 -45.47
CA ASN B 232 -33.19 -39.60 -46.69
C ASN B 232 -33.33 -38.06 -46.59
N LYS B 233 -32.33 -37.36 -47.12
CA LYS B 233 -32.33 -35.90 -47.07
C LYS B 233 -33.22 -35.29 -48.15
N PRO B 234 -34.27 -34.56 -47.74
CA PRO B 234 -35.20 -33.92 -48.68
C PRO B 234 -34.55 -32.74 -49.38
N ASP B 235 -34.97 -32.46 -50.62
CA ASP B 235 -34.41 -31.37 -51.40
C ASP B 235 -34.90 -30.03 -50.88
N ASN B 236 -36.01 -30.06 -50.17
CA ASN B 236 -36.58 -28.85 -49.62
C ASN B 236 -36.83 -28.90 -48.13
N ILE B 237 -36.15 -28.00 -47.41
CA ILE B 237 -36.32 -27.90 -45.97
C ILE B 237 -36.63 -26.44 -45.67
N THR B 238 -37.75 -26.18 -45.03
CA THR B 238 -38.12 -24.81 -44.68
C THR B 238 -37.16 -24.31 -43.62
N SER B 239 -36.53 -23.17 -43.86
CA SER B 239 -35.58 -22.63 -42.88
C SER B 239 -36.31 -22.26 -41.58
N TYR B 240 -35.72 -22.59 -40.44
CA TYR B 240 -36.35 -22.27 -39.16
C TYR B 240 -36.33 -20.77 -38.95
N ASP B 241 -37.44 -20.21 -38.49
CA ASP B 241 -37.54 -18.79 -38.24
C ASP B 241 -38.29 -18.58 -36.92
N SER B 242 -37.55 -18.20 -35.89
CA SER B 242 -38.10 -18.01 -34.56
C SER B 242 -39.41 -17.25 -34.55
N SER B 243 -39.50 -16.20 -35.35
CA SER B 243 -40.71 -15.41 -35.36
C SER B 243 -41.91 -16.18 -35.87
N LYS B 244 -41.67 -17.26 -36.62
CA LYS B 244 -42.78 -18.04 -37.17
C LYS B 244 -42.94 -19.43 -36.58
N HIS B 245 -41.85 -19.97 -36.05
CA HIS B 245 -41.88 -21.35 -35.58
C HIS B 245 -41.47 -21.60 -34.13
N HIS B 246 -41.23 -20.55 -33.35
CA HIS B 246 -40.79 -20.75 -31.96
C HIS B 246 -41.70 -21.75 -31.20
N TYR B 247 -41.09 -22.76 -30.57
CA TYR B 247 -41.83 -23.82 -29.85
C TYR B 247 -42.86 -23.33 -28.84
N LYS B 248 -42.53 -22.26 -28.13
CA LYS B 248 -43.44 -21.72 -27.13
C LYS B 248 -44.24 -20.53 -27.64
N ASN B 249 -43.59 -19.62 -28.34
CA ASN B 249 -44.27 -18.44 -28.84
C ASN B 249 -45.23 -18.68 -30.00
N HIS B 250 -44.95 -19.71 -30.80
CA HIS B 250 -45.78 -20.00 -31.96
C HIS B 250 -45.97 -21.48 -32.16
N SER B 251 -46.50 -22.14 -31.13
CA SER B 251 -46.74 -23.57 -31.17
C SER B 251 -47.27 -24.07 -32.50
N GLU B 252 -48.35 -23.46 -32.97
CA GLU B 252 -48.95 -23.89 -34.23
C GLU B 252 -47.87 -23.93 -35.31
N GLY B 253 -47.15 -22.82 -35.47
CA GLY B 253 -46.11 -22.76 -36.49
C GLY B 253 -45.06 -23.84 -36.30
N PHE B 254 -44.64 -24.02 -35.06
CA PHE B 254 -43.67 -25.02 -34.74
C PHE B 254 -44.18 -26.39 -35.21
N GLU B 255 -45.38 -26.76 -34.79
CA GLU B 255 -45.95 -28.06 -35.16
C GLU B 255 -46.11 -28.23 -36.66
N ALA B 256 -46.45 -27.14 -37.35
CA ALA B 256 -46.59 -27.19 -38.79
C ALA B 256 -45.22 -27.46 -39.45
N LEU B 257 -44.15 -26.84 -38.93
CA LEU B 257 -42.79 -27.01 -39.47
C LEU B 257 -42.32 -28.45 -39.27
N VAL B 258 -42.50 -28.96 -38.05
CA VAL B 258 -42.11 -30.32 -37.75
C VAL B 258 -42.79 -31.28 -38.69
N LYS B 259 -44.11 -31.13 -38.81
CA LYS B 259 -44.92 -31.95 -39.68
C LYS B 259 -44.45 -31.87 -41.13
N GLU B 260 -44.27 -30.66 -41.63
CA GLU B 260 -43.84 -30.48 -43.01
C GLU B 260 -42.46 -31.10 -43.26
N THR B 261 -41.59 -30.99 -42.27
CA THR B 261 -40.24 -31.53 -42.39
C THR B 261 -40.22 -33.07 -42.32
N ARG B 262 -40.99 -33.62 -41.38
CA ARG B 262 -41.05 -35.07 -41.23
C ARG B 262 -41.61 -35.67 -42.50
N GLU B 263 -42.62 -35.02 -43.08
CA GLU B 263 -43.20 -35.52 -44.31
C GLU B 263 -42.23 -35.45 -45.48
N ALA B 264 -41.49 -34.37 -45.60
CA ALA B 264 -40.54 -34.27 -46.70
C ALA B 264 -39.45 -35.35 -46.58
N VAL B 265 -39.07 -35.71 -45.35
CA VAL B 265 -38.06 -36.74 -45.17
C VAL B 265 -38.66 -38.05 -45.71
N THR B 266 -39.89 -38.34 -45.30
CA THR B 266 -40.57 -39.54 -45.75
C THR B 266 -40.66 -39.66 -47.28
N ASN B 267 -40.94 -38.55 -47.96
CA ASN B 267 -41.06 -38.57 -49.42
C ASN B 267 -39.75 -38.47 -50.20
N ALA B 268 -38.63 -38.31 -49.51
CA ALA B 268 -37.35 -38.18 -50.19
C ALA B 268 -36.76 -39.51 -50.65
N ASN B 269 -35.99 -39.49 -51.73
CA ASN B 269 -35.35 -40.71 -52.19
C ASN B 269 -33.90 -40.64 -51.76
N ASP B 270 -33.10 -41.65 -52.10
CA ASP B 270 -31.71 -41.65 -51.66
C ASP B 270 -30.68 -41.11 -52.65
N SER B 271 -31.14 -40.35 -53.63
CA SER B 271 -30.25 -39.76 -54.62
C SER B 271 -29.15 -38.97 -53.96
N TRP B 272 -29.54 -38.26 -52.91
CA TRP B 272 -28.61 -37.41 -52.19
C TRP B 272 -27.29 -38.09 -51.74
N LYS B 273 -27.30 -39.41 -51.54
CA LYS B 273 -26.08 -40.08 -51.08
C LYS B 273 -24.90 -40.00 -52.05
N THR B 274 -25.20 -39.93 -53.34
CA THR B 274 -24.15 -39.86 -54.34
C THR B 274 -23.52 -38.47 -54.41
N LYS B 275 -24.06 -37.50 -53.67
CA LYS B 275 -23.56 -36.11 -53.71
C LYS B 275 -23.15 -35.49 -52.39
N THR B 276 -22.89 -36.30 -51.38
CA THR B 276 -22.54 -35.75 -50.09
C THR B 276 -21.19 -35.05 -50.06
N VAL B 277 -21.01 -34.15 -49.10
CA VAL B 277 -19.75 -33.46 -48.98
C VAL B 277 -18.66 -34.43 -48.55
N LYS B 278 -19.00 -35.28 -47.59
CA LYS B 278 -18.07 -36.27 -47.04
C LYS B 278 -18.18 -37.65 -47.68
N LYS B 279 -17.13 -38.44 -47.48
CA LYS B 279 -17.08 -39.80 -48.01
C LYS B 279 -17.56 -40.66 -46.85
N TYR B 280 -18.55 -41.50 -47.08
CA TYR B 280 -19.04 -42.38 -46.02
C TYR B 280 -18.81 -43.83 -46.45
N GLY B 281 -18.14 -44.62 -45.62
CA GLY B 281 -17.91 -46.02 -45.96
C GLY B 281 -16.48 -46.31 -46.36
N GLY C 1 4.07 51.35 33.09
CA GLY C 1 2.76 50.65 33.25
C GLY C 1 1.86 51.07 32.11
N GLU C 2 2.39 51.99 31.33
CA GLU C 2 1.74 52.56 30.16
C GLU C 2 2.61 53.76 29.82
N ALA C 3 2.73 54.68 30.77
CA ALA C 3 3.55 55.87 30.55
C ALA C 3 4.99 55.42 30.43
N ASP C 4 5.30 54.29 31.05
CA ASP C 4 6.64 53.77 31.01
C ASP C 4 6.84 52.54 30.11
N CYS C 5 5.83 52.22 29.30
CA CYS C 5 5.88 51.06 28.41
C CYS C 5 7.00 51.13 27.37
N GLY C 6 7.50 49.95 27.00
CA GLY C 6 8.51 49.83 25.95
C GLY C 6 9.94 50.20 26.23
N LEU C 7 10.19 50.74 27.42
CA LEU C 7 11.53 51.14 27.82
C LEU C 7 12.00 50.07 28.80
N ARG C 8 13.06 49.37 28.44
CA ARG C 8 13.55 48.27 29.27
C ARG C 8 14.50 48.63 30.41
N PRO C 9 14.21 48.12 31.61
CA PRO C 9 15.03 48.37 32.80
C PRO C 9 16.50 48.03 32.61
N LEU C 10 16.77 46.91 31.95
CA LEU C 10 18.16 46.49 31.77
C LEU C 10 18.86 47.02 30.54
N PHE C 11 18.12 47.75 29.71
CA PHE C 11 18.66 48.33 28.49
C PHE C 11 18.41 49.84 28.33
N GLU C 12 17.30 50.26 27.71
CA GLU C 12 17.06 51.69 27.56
C GLU C 12 17.28 52.51 28.83
N LYS C 13 16.61 52.16 29.92
CA LYS C 13 16.78 52.92 31.16
C LYS C 13 18.22 52.94 31.67
N LYS C 14 19.12 52.24 31.01
CA LYS C 14 20.52 52.21 31.43
C LYS C 14 21.43 52.64 30.28
N SER C 15 20.82 53.01 29.16
CA SER C 15 21.60 53.46 28.02
C SER C 15 22.49 52.34 27.51
N LEU C 16 21.96 51.13 27.53
CA LEU C 16 22.70 49.98 27.06
C LEU C 16 21.86 49.42 25.92
N GLU C 17 22.51 49.05 24.82
CA GLU C 17 21.79 48.48 23.68
C GLU C 17 22.01 46.99 23.72
N ASP C 18 21.12 46.22 23.11
CA ASP C 18 21.28 44.78 23.08
C ASP C 18 22.04 44.41 21.82
N LYS C 19 22.59 43.20 21.80
CA LYS C 19 23.39 42.71 20.69
C LYS C 19 22.85 42.80 19.26
N THR C 20 21.54 42.78 19.06
CA THR C 20 21.04 42.83 17.68
C THR C 20 20.10 44.00 17.39
N GLU C 21 19.91 44.85 18.38
CA GLU C 21 19.06 46.02 18.27
C GLU C 21 19.35 46.86 17.00
N ARG C 22 20.63 47.10 16.75
CA ARG C 22 21.07 47.89 15.59
C ARG C 22 20.66 47.28 14.22
N GLU C 23 20.46 45.97 14.18
CA GLU C 23 20.06 45.31 12.94
C GLU C 23 18.66 45.71 12.49
N LEU C 24 17.94 46.41 13.34
CA LEU C 24 16.58 46.82 13.01
C LEU C 24 16.52 48.19 12.30
N LEU C 25 17.60 48.95 12.40
CA LEU C 25 17.69 50.26 11.75
C LEU C 25 18.09 50.05 10.28
N GLU C 26 17.47 50.74 9.33
CA GLU C 26 17.91 50.54 7.95
C GLU C 26 19.12 51.42 7.69
N SER C 27 20.18 51.09 8.43
CA SER C 27 21.48 51.76 8.35
C SER C 27 22.37 50.58 8.73
N TYR C 28 21.84 49.37 8.51
CA TYR C 28 22.55 48.15 8.85
C TYR C 28 23.30 47.44 7.71
N ILE C 29 24.48 46.92 8.07
CA ILE C 29 25.39 46.22 7.16
C ILE C 29 24.99 44.79 6.73
N ASP C 30 25.80 43.80 7.09
CA ASP C 30 25.58 42.40 6.70
C ASP C 30 26.11 41.39 7.74
N GLY C 31 26.03 40.11 7.37
CA GLY C 31 26.53 39.05 8.24
C GLY C 31 25.73 37.76 8.20
N ARG C 32 24.58 37.77 7.51
CA ARG C 32 23.72 36.59 7.45
C ARG C 32 23.83 35.85 8.78
N ILE C 33 23.53 36.60 9.85
CA ILE C 33 23.58 36.11 11.22
C ILE C 33 25.04 35.97 11.69
N VAL C 34 25.41 36.78 12.68
CA VAL C 34 26.74 36.77 13.24
C VAL C 34 26.61 36.79 14.78
N GLU C 35 25.37 36.73 15.26
CA GLU C 35 25.09 36.74 16.70
C GLU C 35 24.21 35.57 17.10
N GLY C 36 24.40 35.10 18.32
CA GLY C 36 23.60 33.99 18.83
C GLY C 36 22.12 34.29 18.90
N SER C 37 21.33 33.23 18.98
CA SER C 37 19.89 33.35 19.04
C SER C 37 19.36 33.39 20.50
N ASP C 38 20.23 33.09 21.46
CA ASP C 38 19.84 33.15 22.88
C ASP C 38 19.56 34.60 23.31
N ALA C 39 18.42 34.83 23.92
CA ALA C 39 18.10 36.17 24.37
C ALA C 39 19.06 36.64 25.45
N GLU C 40 19.25 37.95 25.52
CA GLU C 40 20.10 38.51 26.57
C GLU C 40 19.18 38.61 27.78
N ILE C 41 19.71 38.42 28.96
CA ILE C 41 18.87 38.50 30.15
C ILE C 41 18.17 39.85 30.20
N GLY C 42 16.84 39.79 30.26
CA GLY C 42 16.04 40.99 30.36
C GLY C 42 15.74 41.73 29.07
N MET C 43 16.14 41.15 27.94
CA MET C 43 15.89 41.84 26.67
C MET C 43 14.45 41.84 26.17
N SER C 44 13.58 41.03 26.79
CA SER C 44 12.15 40.98 26.40
C SER C 44 11.35 40.83 27.72
N PRO C 45 11.45 41.85 28.58
CA PRO C 45 10.78 41.83 29.87
C PRO C 45 9.26 41.79 29.85
N TRP C 46 8.67 41.89 28.67
CA TRP C 46 7.22 41.78 28.56
C TRP C 46 6.89 40.36 28.12
N GLN C 47 7.91 39.51 28.06
CA GLN C 47 7.71 38.11 27.61
C GLN C 47 6.92 37.28 28.60
N VAL C 48 5.90 36.59 28.13
CA VAL C 48 5.09 35.78 29.01
C VAL C 48 4.94 34.37 28.48
N MET C 49 4.99 33.43 29.41
CA MET C 49 4.87 32.04 29.09
C MET C 49 3.44 31.61 29.47
N LEU C 50 2.70 31.03 28.53
CA LEU C 50 1.36 30.53 28.83
C LEU C 50 1.56 29.06 29.17
N PHE C 51 1.31 28.69 30.43
CA PHE C 51 1.54 27.31 30.91
C PHE C 51 0.30 26.51 31.30
N ARG C 52 0.16 25.31 30.75
CA ARG C 52 -0.95 24.45 31.09
C ARG C 52 -0.53 23.73 32.39
N LYS C 53 -1.35 23.83 33.43
CA LYS C 53 -1.02 23.25 34.72
C LYS C 53 -0.89 21.74 34.75
N SER C 54 -1.82 21.04 34.12
CA SER C 54 -1.83 19.58 34.15
C SER C 54 -2.45 18.84 32.95
N PRO C 55 -1.64 18.03 32.25
CA PRO C 55 -0.22 17.82 32.55
C PRO C 55 0.62 19.03 32.17
N GLN C 56 1.62 19.34 32.98
CA GLN C 56 2.50 20.49 32.74
C GLN C 56 2.94 20.57 31.31
N GLU C 57 2.76 21.76 30.71
CA GLU C 57 3.15 21.95 29.33
C GLU C 57 3.25 23.42 28.94
N LEU C 58 4.40 23.80 28.36
CA LEU C 58 4.63 25.16 27.86
C LEU C 58 3.74 25.20 26.62
N LEU C 59 2.63 25.91 26.70
CA LEU C 59 1.68 25.97 25.57
C LEU C 59 1.96 27.01 24.50
N CYS C 60 2.27 28.22 24.94
CA CYS C 60 2.42 29.33 24.01
C CYS C 60 3.13 30.46 24.70
N GLY C 61 3.34 31.53 23.93
CA GLY C 61 3.94 32.71 24.49
C GLY C 61 2.79 33.71 24.63
N ALA C 62 3.10 34.87 25.18
CA ALA C 62 2.11 35.91 25.36
C ALA C 62 2.93 37.14 25.70
N SER C 63 2.27 38.27 25.95
CA SER C 63 2.99 39.49 26.31
C SER C 63 2.27 40.28 27.38
N LEU C 64 3.06 40.98 28.19
CA LEU C 64 2.57 41.80 29.28
C LEU C 64 2.30 43.23 28.76
N ILE C 65 1.04 43.67 28.79
CA ILE C 65 0.73 45.04 28.33
C ILE C 65 0.35 46.06 29.44
N SER C 66 0.29 45.59 30.69
CA SER C 66 0.02 46.45 31.86
C SER C 66 0.19 45.58 33.10
N ASP C 67 0.07 46.14 34.30
CA ASP C 67 0.26 45.27 35.48
C ASP C 67 -0.87 44.28 35.69
N ARG C 68 -1.86 44.27 34.81
CA ARG C 68 -3.00 43.39 34.97
C ARG C 68 -3.44 42.66 33.69
N TRP C 69 -2.87 43.00 32.56
CA TRP C 69 -3.30 42.38 31.33
C TRP C 69 -2.25 41.70 30.50
N VAL C 70 -2.60 40.54 29.96
CA VAL C 70 -1.67 39.77 29.15
C VAL C 70 -2.32 39.48 27.82
N LEU C 71 -1.55 39.69 26.76
CA LEU C 71 -2.05 39.49 25.40
C LEU C 71 -1.46 38.20 24.83
N THR C 72 -2.26 37.46 24.08
CA THR C 72 -1.78 36.24 23.47
C THR C 72 -2.61 35.94 22.22
N ALA C 73 -2.40 34.77 21.61
CA ALA C 73 -3.17 34.41 20.44
C ALA C 73 -4.43 33.65 20.84
N ALA C 74 -5.53 33.89 20.15
CA ALA C 74 -6.75 33.18 20.49
C ALA C 74 -6.60 31.65 20.32
N HIS C 75 -5.94 31.19 19.24
CA HIS C 75 -5.79 29.77 19.01
C HIS C 75 -5.01 29.00 20.09
N CYS C 76 -4.32 29.72 20.97
CA CYS C 76 -3.60 29.05 22.05
C CYS C 76 -4.58 28.62 23.14
N LEU C 77 -5.77 29.22 23.13
CA LEU C 77 -6.79 28.95 24.13
C LEU C 77 -7.94 28.16 23.56
N LEU C 78 -8.33 28.52 22.35
CA LEU C 78 -9.46 27.87 21.70
C LEU C 78 -9.15 27.47 20.27
N TYR C 79 -9.26 26.19 19.98
CA TYR C 79 -9.04 25.71 18.63
C TYR C 79 -9.69 24.34 18.55
N PRO C 80 -11.00 24.32 18.29
CA PRO C 80 -11.81 23.10 18.18
C PRO C 80 -11.21 21.95 17.38
N PRO C 81 -10.63 22.24 16.20
CA PRO C 81 -10.05 21.14 15.40
C PRO C 81 -8.93 20.33 16.09
N TRP C 82 -8.41 20.82 17.21
CA TRP C 82 -7.38 20.10 17.94
C TRP C 82 -7.92 19.84 19.34
N ASP C 83 -9.26 19.82 19.45
CA ASP C 83 -9.97 19.59 20.70
C ASP C 83 -9.31 20.39 21.82
N LYS C 84 -9.13 21.68 21.55
CA LYS C 84 -8.50 22.55 22.53
C LYS C 84 -9.43 23.70 22.90
N ASN C 85 -9.68 23.82 24.21
CA ASN C 85 -10.55 24.87 24.72
C ASN C 85 -10.19 25.03 26.20
N PHE C 86 -9.19 25.84 26.49
CA PHE C 86 -8.76 26.04 27.87
C PHE C 86 -9.54 27.10 28.63
N THR C 87 -9.80 26.85 29.91
CA THR C 87 -10.51 27.83 30.73
C THR C 87 -9.49 28.37 31.74
N GLU C 88 -9.84 29.45 32.42
CA GLU C 88 -8.94 30.08 33.39
C GLU C 88 -8.18 29.13 34.30
N ASN C 89 -8.89 28.23 34.98
CA ASN C 89 -8.26 27.29 35.92
C ASN C 89 -7.32 26.27 35.29
N ASP C 90 -7.38 26.09 33.98
CA ASP C 90 -6.50 25.11 33.34
C ASP C 90 -5.09 25.60 33.27
N LEU C 91 -4.88 26.90 33.47
CA LEU C 91 -3.53 27.37 33.32
C LEU C 91 -3.05 28.50 34.14
N LEU C 92 -1.77 28.80 33.94
CA LEU C 92 -1.19 29.91 34.62
C LEU C 92 -0.23 30.60 33.67
N VAL C 93 0.25 31.77 34.10
CA VAL C 93 1.10 32.61 33.31
C VAL C 93 2.40 32.74 34.08
N ARG C 94 3.52 32.71 33.37
CA ARG C 94 4.82 32.83 34.01
C ARG C 94 5.52 34.01 33.36
N ILE C 95 5.85 35.00 34.17
CA ILE C 95 6.43 36.24 33.70
C ILE C 95 7.83 36.44 34.23
N GLY C 96 8.64 37.17 33.47
CA GLY C 96 10.01 37.47 33.88
C GLY C 96 11.01 36.34 33.73
N LYS C 97 10.63 35.31 32.98
CA LYS C 97 11.50 34.16 32.83
C LYS C 97 12.60 34.26 31.78
N HIS C 98 13.66 33.49 32.00
CA HIS C 98 14.77 33.43 31.08
C HIS C 98 14.93 31.98 30.61
N SER C 99 15.20 31.08 31.55
CA SER C 99 15.33 29.67 31.20
C SER C 99 14.05 28.95 31.51
N ARG C 100 13.52 28.17 30.58
CA ARG C 100 12.28 27.46 30.86
C ARG C 100 12.44 26.11 31.56
N THR C 101 13.66 25.69 31.87
CA THR C 101 13.86 24.37 32.47
C THR C 101 13.87 24.35 33.97
N ARG C 102 13.80 25.52 34.58
CA ARG C 102 13.83 25.62 36.02
C ARG C 102 13.00 26.79 36.48
N TYR C 103 12.55 26.72 37.73
CA TYR C 103 11.79 27.82 38.32
C TYR C 103 12.86 28.87 38.62
N GLU C 104 12.63 30.14 38.29
CA GLU C 104 13.67 31.15 38.60
C GLU C 104 13.07 32.05 39.68
N ARG C 105 13.29 31.65 40.95
CA ARG C 105 12.69 32.33 42.10
C ARG C 105 12.93 33.81 42.30
N ASN C 106 14.09 34.33 41.92
CA ASN C 106 14.34 35.74 42.14
C ASN C 106 13.79 36.66 41.10
N ILE C 107 13.33 36.14 39.96
CA ILE C 107 12.84 37.04 38.92
C ILE C 107 11.50 36.60 38.36
N GLU C 108 11.21 35.30 38.47
CA GLU C 108 9.97 34.76 37.94
C GLU C 108 8.75 35.16 38.74
N LYS C 109 7.62 35.32 38.07
CA LYS C 109 6.38 35.64 38.75
C LYS C 109 5.31 34.80 38.07
N ILE C 110 4.55 34.06 38.89
CA ILE C 110 3.48 33.21 38.40
C ILE C 110 2.17 33.89 38.79
N SER C 111 1.25 34.02 37.85
CA SER C 111 -0.04 34.67 38.10
C SER C 111 -1.18 33.79 37.69
N MET C 112 -2.21 33.75 38.53
CA MET C 112 -3.37 32.96 38.17
C MET C 112 -4.22 33.93 37.33
N LEU C 113 -5.01 33.36 36.43
CA LEU C 113 -5.87 34.12 35.55
C LEU C 113 -7.22 34.38 36.18
N GLU C 114 -7.69 35.61 36.11
CA GLU C 114 -9.00 35.89 36.63
C GLU C 114 -10.02 35.61 35.52
N LYS C 115 -9.69 36.03 34.29
CA LYS C 115 -10.60 35.87 33.17
C LYS C 115 -9.92 35.89 31.81
N ILE C 116 -10.49 35.12 30.89
CA ILE C 116 -10.00 35.00 29.53
C ILE C 116 -10.99 35.66 28.57
N TYR C 117 -10.50 36.54 27.71
CA TYR C 117 -11.35 37.22 26.73
C TYR C 117 -10.86 36.95 25.30
N ILE C 118 -11.54 36.06 24.60
CA ILE C 118 -11.20 35.70 23.23
C ILE C 118 -12.01 36.59 22.29
N HIS C 119 -11.39 37.09 21.23
CA HIS C 119 -12.11 37.93 20.30
C HIS C 119 -13.39 37.24 19.81
N PRO C 120 -14.55 37.90 19.95
CA PRO C 120 -15.76 37.24 19.49
C PRO C 120 -15.82 36.92 18.01
N ARG C 121 -15.03 37.60 17.19
CA ARG C 121 -15.07 37.29 15.78
C ARG C 121 -13.77 36.63 15.32
N TYR C 122 -13.19 35.83 16.21
CA TYR C 122 -11.97 35.06 15.94
C TYR C 122 -12.46 33.97 14.99
N ASN C 123 -11.85 33.88 13.82
CA ASN C 123 -12.27 32.93 12.80
C ASN C 123 -11.39 31.68 12.76
N TRP C 124 -11.61 30.77 13.71
CA TRP C 124 -10.80 29.56 13.79
C TRP C 124 -11.04 28.53 12.70
N ARG C 125 -12.25 28.46 12.16
CA ARG C 125 -12.47 27.45 11.14
C ARG C 125 -12.03 27.82 9.74
N GLU C 126 -11.46 29.01 9.57
CA GLU C 126 -11.06 29.39 8.22
C GLU C 126 -9.60 29.84 8.00
N ASN C 127 -9.18 30.90 8.68
CA ASN C 127 -7.87 31.44 8.43
C ASN C 127 -7.25 32.10 9.66
N LEU C 128 -7.79 31.81 10.83
CA LEU C 128 -7.31 32.44 12.04
C LEU C 128 -7.44 33.96 12.02
N ASP C 129 -8.39 34.49 11.24
CA ASP C 129 -8.60 35.94 11.22
C ASP C 129 -8.91 36.38 12.66
N ARG C 130 -8.28 37.45 13.12
CA ARG C 130 -8.46 37.97 14.47
C ARG C 130 -8.01 36.99 15.54
N ASP C 131 -6.78 36.50 15.37
CA ASP C 131 -6.25 35.52 16.29
C ASP C 131 -5.66 36.26 17.46
N ILE C 132 -6.54 36.64 18.39
CA ILE C 132 -6.10 37.44 19.53
C ILE C 132 -6.96 37.20 20.76
N ALA C 133 -6.35 37.32 21.93
CA ALA C 133 -7.08 37.10 23.16
C ALA C 133 -6.40 37.83 24.28
N LEU C 134 -7.20 38.22 25.27
CA LEU C 134 -6.67 38.93 26.42
C LEU C 134 -6.85 38.08 27.68
N MET C 135 -5.93 38.18 28.61
CA MET C 135 -6.03 37.42 29.84
C MET C 135 -5.84 38.38 31.00
N LYS C 136 -6.84 38.47 31.87
CA LYS C 136 -6.76 39.38 33.02
C LYS C 136 -6.24 38.65 34.26
N LEU C 137 -5.20 39.20 34.88
CA LEU C 137 -4.64 38.57 36.07
C LEU C 137 -5.56 38.84 37.28
N LYS C 138 -5.52 37.99 38.30
CA LYS C 138 -6.38 38.19 39.47
C LYS C 138 -5.90 39.38 40.24
N LYS C 139 -4.59 39.52 40.38
CA LYS C 139 -4.05 40.67 41.08
C LYS C 139 -2.97 41.25 40.19
N PRO C 140 -2.67 42.55 40.36
CA PRO C 140 -1.63 43.12 39.50
C PRO C 140 -0.25 42.57 39.83
N VAL C 141 0.62 42.48 38.83
CA VAL C 141 1.97 41.98 39.09
C VAL C 141 2.85 43.19 39.22
N ALA C 142 3.90 43.10 40.03
CA ALA C 142 4.79 44.23 40.19
C ALA C 142 5.91 44.20 39.15
N PHE C 143 6.26 45.37 38.62
CA PHE C 143 7.32 45.46 37.65
C PHE C 143 8.68 45.33 38.33
N SER C 144 9.68 44.98 37.55
CA SER C 144 11.03 44.79 38.09
C SER C 144 11.94 44.93 36.91
N ASP C 145 13.21 44.59 37.11
CA ASP C 145 14.15 44.67 36.00
C ASP C 145 13.85 43.62 34.94
N TYR C 146 13.07 42.60 35.32
CA TYR C 146 12.73 41.49 34.43
C TYR C 146 11.30 41.42 33.97
N ILE C 147 10.44 42.26 34.54
CA ILE C 147 9.04 42.26 34.19
C ILE C 147 8.68 43.73 33.93
N HIS C 148 8.26 44.02 32.70
CA HIS C 148 7.92 45.37 32.29
C HIS C 148 6.99 45.28 31.09
N PRO C 149 6.01 46.19 30.98
CA PRO C 149 5.11 46.09 29.82
C PRO C 149 5.66 46.72 28.51
N VAL C 150 5.14 46.24 27.38
CA VAL C 150 5.51 46.70 26.04
C VAL C 150 4.41 47.69 25.59
N CYS C 151 4.73 48.61 24.68
CA CYS C 151 3.71 49.54 24.22
C CYS C 151 2.91 48.95 23.09
N LEU C 152 1.65 49.38 22.93
CA LEU C 152 0.84 48.94 21.81
C LEU C 152 0.86 50.14 20.86
N PRO C 153 0.83 49.92 19.55
CA PRO C 153 0.87 51.09 18.65
C PRO C 153 -0.44 51.80 18.38
N ASP C 154 -0.33 53.07 18.01
CA ASP C 154 -1.51 53.83 17.62
C ASP C 154 -1.50 53.79 16.07
N ARG C 155 -2.50 54.39 15.44
CA ARG C 155 -2.61 54.38 13.99
C ARG C 155 -1.36 54.78 13.20
N GLU C 156 -0.73 55.88 13.60
CA GLU C 156 0.44 56.33 12.87
C GLU C 156 1.71 55.56 13.18
N THR C 157 1.83 55.00 14.38
CA THR C 157 3.04 54.24 14.65
C THR C 157 2.94 52.96 13.81
N ALA C 158 1.72 52.51 13.53
CA ALA C 158 1.50 51.33 12.70
C ALA C 158 1.76 51.61 11.23
N ALA C 159 1.31 52.78 10.77
CA ALA C 159 1.50 53.18 9.38
C ALA C 159 2.97 53.48 9.06
N SER C 160 3.72 53.99 10.02
CA SER C 160 5.12 54.31 9.78
C SER C 160 6.09 53.17 10.06
N LEU C 161 5.75 52.29 11.00
CA LEU C 161 6.63 51.17 11.32
C LEU C 161 6.35 49.92 10.49
N LEU C 162 5.11 49.69 10.09
CA LEU C 162 4.85 48.50 9.30
C LEU C 162 5.01 48.71 7.79
N GLN C 163 6.25 48.83 7.34
CA GLN C 163 6.52 49.01 5.92
C GLN C 163 7.39 47.86 5.48
N ALA C 164 7.14 47.37 4.27
CA ALA C 164 7.90 46.27 3.69
C ALA C 164 9.38 46.56 3.92
N GLY C 165 10.16 45.54 4.28
CA GLY C 165 11.59 45.74 4.48
C GLY C 165 12.02 46.10 5.89
N TYR C 166 11.16 46.77 6.62
CA TYR C 166 11.48 47.14 8.01
C TYR C 166 11.50 45.85 8.82
N LYS C 167 12.43 45.75 9.75
CA LYS C 167 12.58 44.57 10.56
C LYS C 167 12.03 44.71 11.98
N GLY C 168 11.43 43.64 12.45
CA GLY C 168 10.92 43.57 13.80
C GLY C 168 11.59 42.39 14.50
N ARG C 169 11.18 42.12 15.74
CA ARG C 169 11.77 41.03 16.51
C ARG C 169 10.71 40.09 17.07
N VAL C 170 10.98 38.79 17.00
CA VAL C 170 10.09 37.78 17.49
C VAL C 170 10.87 36.98 18.51
N THR C 171 10.20 36.61 19.61
CA THR C 171 10.82 35.88 20.71
C THR C 171 9.95 34.72 21.19
N GLY C 172 10.56 33.73 21.79
CA GLY C 172 9.78 32.60 22.25
C GLY C 172 10.58 31.38 22.62
N TRP C 173 9.92 30.44 23.31
CA TRP C 173 10.55 29.20 23.72
C TRP C 173 10.05 28.07 22.84
N GLY C 174 9.47 28.38 21.68
CA GLY C 174 8.95 27.36 20.76
C GLY C 174 10.01 26.50 20.06
N ASN C 175 9.57 25.58 19.18
CA ASN C 175 10.49 24.68 18.46
C ASN C 175 11.60 25.36 17.65
N LEU C 176 12.76 24.73 17.64
CA LEU C 176 13.94 25.27 16.92
C LEU C 176 13.97 25.01 15.42
N LYS C 177 13.10 24.12 14.95
CA LYS C 177 13.11 23.78 13.53
C LYS C 177 11.87 22.99 13.19
N GLU C 178 11.48 22.99 11.92
CA GLU C 178 10.37 22.15 11.49
C GLU C 178 10.97 20.74 11.52
N THR C 179 10.13 19.71 11.70
CA THR C 179 10.65 18.33 11.77
C THR C 179 10.02 17.46 10.72
N TRP C 180 10.65 16.32 10.41
CA TRP C 180 10.15 15.49 9.31
C TRP C 180 8.83 14.80 9.51
N THR C 181 8.42 14.70 10.76
CA THR C 181 7.14 14.09 11.05
C THR C 181 6.55 14.88 12.22
N ALA C 182 5.22 15.06 12.25
CA ALA C 182 4.59 15.79 13.36
C ALA C 182 5.00 15.10 14.67
N ASN C 183 5.04 13.76 14.63
CA ASN C 183 5.43 12.94 15.79
C ASN C 183 6.85 13.07 16.30
N VAL C 184 7.77 13.49 15.46
CA VAL C 184 9.16 13.60 15.91
C VAL C 184 9.07 14.33 17.24
N GLY C 185 8.20 15.33 17.28
CA GLY C 185 8.01 16.07 18.51
C GLY C 185 8.58 17.46 18.57
N LYS C 186 9.08 17.80 19.77
CA LYS C 186 9.62 19.11 20.04
C LYS C 186 11.11 19.20 20.35
N GLY C 187 11.78 20.05 19.58
CA GLY C 187 13.20 20.30 19.82
C GLY C 187 13.16 21.70 20.38
N GLN C 188 13.12 21.81 21.72
CA GLN C 188 13.01 23.11 22.36
C GLN C 188 14.26 23.61 23.06
N PRO C 189 14.43 24.94 23.10
CA PRO C 189 15.56 25.61 23.73
C PRO C 189 15.39 25.69 25.23
N SER C 190 16.47 25.99 25.93
CA SER C 190 16.36 26.13 27.36
C SER C 190 16.20 27.64 27.63
N VAL C 191 16.91 28.44 26.83
CA VAL C 191 16.86 29.89 26.98
C VAL C 191 15.98 30.57 25.92
N LEU C 192 15.25 31.61 26.33
CA LEU C 192 14.38 32.36 25.42
C LEU C 192 15.13 32.61 24.10
N GLN C 193 14.45 32.39 22.98
CA GLN C 193 15.06 32.57 21.66
C GLN C 193 14.58 33.85 20.96
N VAL C 194 15.48 34.46 20.18
CA VAL C 194 15.12 35.67 19.47
C VAL C 194 15.60 35.67 18.03
N VAL C 195 14.74 36.15 17.14
CA VAL C 195 15.04 36.26 15.72
C VAL C 195 14.48 37.61 15.21
N ASN C 196 15.22 38.26 14.32
CA ASN C 196 14.77 39.53 13.74
C ASN C 196 14.36 39.22 12.32
N LEU C 197 13.22 39.72 11.89
CA LEU C 197 12.72 39.44 10.54
C LEU C 197 12.08 40.65 9.88
N PRO C 198 12.15 40.70 8.54
CA PRO C 198 11.55 41.84 7.84
C PRO C 198 10.07 41.64 7.47
N ILE C 199 9.31 42.73 7.51
CA ILE C 199 7.92 42.68 7.12
C ILE C 199 7.97 42.51 5.60
N VAL C 200 7.07 41.71 5.01
CA VAL C 200 7.09 41.57 3.57
C VAL C 200 5.84 42.19 2.97
N GLU C 201 5.93 42.66 1.74
CA GLU C 201 4.82 43.31 1.06
C GLU C 201 3.62 42.39 0.92
N ARG C 202 2.42 42.95 1.10
CA ARG C 202 1.19 42.17 1.01
C ARG C 202 1.03 41.29 -0.20
N PRO C 203 1.32 41.82 -1.40
CA PRO C 203 1.14 40.91 -2.53
C PRO C 203 1.97 39.63 -2.36
N VAL C 204 3.14 39.74 -1.76
CA VAL C 204 3.94 38.53 -1.58
C VAL C 204 3.35 37.63 -0.48
N CYS C 205 2.86 38.24 0.59
CA CYS C 205 2.26 37.46 1.66
C CYS C 205 1.12 36.67 1.08
N LYS C 206 0.27 37.36 0.33
CA LYS C 206 -0.91 36.75 -0.28
C LYS C 206 -0.60 35.67 -1.29
N ASP C 207 0.46 35.87 -2.06
CA ASP C 207 0.79 34.92 -3.11
C ASP C 207 1.46 33.66 -2.55
N SER C 208 2.08 33.82 -1.39
CA SER C 208 2.79 32.71 -0.77
C SER C 208 1.92 31.60 -0.19
N THR C 209 0.62 31.82 -0.02
CA THR C 209 -0.22 30.79 0.60
C THR C 209 -1.61 30.75 0.03
N ARG C 210 -2.30 29.63 0.18
CA ARG C 210 -3.65 29.53 -0.36
C ARG C 210 -4.70 29.86 0.70
N ILE C 211 -4.22 30.07 1.93
CA ILE C 211 -5.09 30.43 3.05
C ILE C 211 -5.43 31.90 2.81
N ARG C 212 -6.71 32.24 2.95
CA ARG C 212 -7.18 33.60 2.71
C ARG C 212 -6.67 34.60 3.75
N ILE C 213 -5.70 35.43 3.38
CA ILE C 213 -5.22 36.39 4.37
C ILE C 213 -6.19 37.56 4.48
N THR C 214 -6.11 38.32 5.57
CA THR C 214 -7.00 39.47 5.77
C THR C 214 -6.14 40.63 6.23
N ASP C 215 -6.74 41.81 6.29
CA ASP C 215 -6.01 43.01 6.73
C ASP C 215 -5.68 43.00 8.20
N ASN C 216 -6.16 41.97 8.91
CA ASN C 216 -5.89 41.84 10.34
C ASN C 216 -4.64 41.00 10.56
N MET C 217 -3.92 40.73 9.47
CA MET C 217 -2.68 39.97 9.56
C MET C 217 -1.59 40.68 8.77
N PHE C 218 -0.36 40.22 8.94
CA PHE C 218 0.77 40.70 8.15
C PHE C 218 1.79 39.57 8.24
N CYS C 219 2.65 39.44 7.24
CA CYS C 219 3.63 38.37 7.28
C CYS C 219 5.05 38.93 7.31
N ALA C 220 5.98 38.14 7.84
CA ALA C 220 7.38 38.54 7.91
C ALA C 220 8.29 37.35 7.65
N GLY C 221 9.54 37.63 7.27
CA GLY C 221 10.48 36.57 6.99
C GLY C 221 11.26 36.94 5.74
N TYR C 222 12.40 36.27 5.52
CA TYR C 222 13.23 36.55 4.36
C TYR C 222 12.74 35.83 3.14
N LYS C 223 12.95 36.45 1.98
CA LYS C 223 12.56 35.89 0.68
C LYS C 223 13.60 34.88 0.23
N PRO C 224 13.22 33.94 -0.65
CA PRO C 224 14.17 32.93 -1.14
C PRO C 224 15.50 33.55 -1.55
N ASP C 225 15.41 34.60 -2.37
CA ASP C 225 16.54 35.33 -2.92
C ASP C 225 17.35 36.18 -1.91
N GLU C 226 17.00 36.08 -0.64
CA GLU C 226 17.72 36.86 0.37
C GLU C 226 18.64 35.93 1.13
N GLY C 227 19.70 36.50 1.69
CA GLY C 227 20.67 35.71 2.42
C GLY C 227 20.16 34.99 3.64
N LYS C 228 19.78 35.75 4.66
CA LYS C 228 19.32 35.17 5.92
C LYS C 228 18.07 34.29 5.89
N ARG C 229 17.89 33.55 6.98
CA ARG C 229 16.74 32.67 7.21
C ARG C 229 16.14 33.06 8.57
N GLY C 230 15.11 32.35 9.01
CA GLY C 230 14.53 32.68 10.31
C GLY C 230 13.02 32.71 10.34
N ASP C 231 12.45 32.24 11.45
CA ASP C 231 10.99 32.19 11.55
C ASP C 231 10.54 31.87 12.97
N ALA C 232 9.24 31.98 13.17
CA ALA C 232 8.65 31.59 14.44
C ALA C 232 8.27 30.13 14.11
N CYS C 233 7.96 29.33 15.12
CA CYS C 233 7.59 27.93 14.87
C CYS C 233 6.56 27.44 15.92
N GLU C 234 6.25 26.14 15.91
CA GLU C 234 5.27 25.59 16.86
C GLU C 234 5.59 26.00 18.29
N GLY C 235 4.57 26.45 19.01
CA GLY C 235 4.77 26.89 20.38
C GLY C 235 5.15 28.35 20.55
N ASP C 236 5.42 29.04 19.46
CA ASP C 236 5.78 30.45 19.55
C ASP C 236 4.52 31.34 19.52
N SER C 237 3.42 30.79 18.98
CA SER C 237 2.13 31.51 18.90
C SER C 237 1.87 32.30 20.17
N GLY C 238 1.31 33.51 20.02
CA GLY C 238 1.02 34.33 21.18
C GLY C 238 2.18 35.25 21.55
N GLY C 239 3.39 34.86 21.16
CA GLY C 239 4.55 35.69 21.45
C GLY C 239 4.48 37.00 20.68
N PRO C 240 5.20 38.03 21.11
CA PRO C 240 5.18 39.32 20.43
C PRO C 240 6.15 39.55 19.25
N PHE C 241 5.67 40.28 18.26
CA PHE C 241 6.51 40.73 17.15
C PHE C 241 6.61 42.22 17.53
N VAL C 242 7.80 42.63 18.00
CA VAL C 242 8.04 44.01 18.41
C VAL C 242 8.95 44.81 17.47
N MET C 243 8.84 46.13 17.55
CA MET C 243 9.62 47.04 16.74
C MET C 243 9.98 48.22 17.62
N LYS C 244 11.24 48.64 17.53
CA LYS C 244 11.73 49.78 18.31
C LYS C 244 11.57 51.03 17.46
N SER C 245 10.86 52.01 18.00
CA SER C 245 10.61 53.25 17.28
C SER C 245 11.76 54.21 17.39
N PRO C 246 12.23 54.73 16.23
CA PRO C 246 13.33 55.69 16.17
C PRO C 246 12.90 57.03 16.76
N PHE C 247 11.60 57.28 16.78
CA PHE C 247 11.04 58.53 17.31
C PHE C 247 11.13 58.68 18.83
N ASN C 248 10.94 57.61 19.59
CA ASN C 248 11.01 57.69 21.05
C ASN C 248 11.82 56.59 21.73
N ASN C 249 12.47 55.74 20.96
CA ASN C 249 13.30 54.68 21.55
C ASN C 249 12.50 53.64 22.33
N ARG C 250 11.20 53.50 22.04
CA ARG C 250 10.35 52.55 22.73
C ARG C 250 9.99 51.35 21.87
N TRP C 251 9.80 50.20 22.51
CA TRP C 251 9.39 49.00 21.80
C TRP C 251 7.87 48.92 21.74
N TYR C 252 7.37 48.62 20.55
CA TYR C 252 5.94 48.51 20.32
C TYR C 252 5.62 47.10 19.82
N GLN C 253 4.51 46.53 20.28
CA GLN C 253 4.16 45.21 19.79
C GLN C 253 3.26 45.40 18.61
N MET C 254 3.81 45.16 17.42
CA MET C 254 3.03 45.33 16.20
C MET C 254 2.24 44.09 15.86
N GLY C 255 2.69 42.95 16.36
CA GLY C 255 1.97 41.72 16.04
C GLY C 255 2.11 40.62 17.06
N ILE C 256 1.34 39.57 16.84
CA ILE C 256 1.27 38.38 17.67
C ILE C 256 1.55 37.17 16.78
N VAL C 257 2.48 36.30 17.17
CA VAL C 257 2.78 35.11 16.37
C VAL C 257 1.48 34.38 16.23
N SER C 258 1.06 34.14 15.00
CA SER C 258 -0.22 33.51 14.76
C SER C 258 -0.21 32.21 13.96
N TRP C 259 0.31 32.23 12.73
CA TRP C 259 0.36 31.00 11.95
C TRP C 259 1.41 30.98 10.85
N GLY C 260 1.54 29.82 10.20
CA GLY C 260 2.51 29.67 9.14
C GLY C 260 2.39 28.25 8.63
N GLU C 261 3.15 27.93 7.60
CA GLU C 261 3.12 26.59 7.03
C GLU C 261 4.52 26.03 7.16
N GLY C 262 4.65 25.00 7.99
CA GLY C 262 5.97 24.45 8.28
C GLY C 262 6.64 25.56 9.06
N CYS C 263 7.97 25.60 9.07
CA CYS C 263 8.72 26.63 9.76
C CYS C 263 9.97 26.85 8.94
N ASP C 264 10.24 28.10 8.59
CA ASP C 264 11.41 28.47 7.81
C ASP C 264 11.49 27.85 6.43
N ARG C 265 10.34 27.55 5.82
CA ARG C 265 10.28 26.98 4.46
C ARG C 265 10.48 28.13 3.43
N ASP C 266 11.26 27.90 2.37
CA ASP C 266 11.48 28.95 1.34
C ASP C 266 10.20 29.34 0.62
N GLY C 267 10.04 30.62 0.32
CA GLY C 267 8.83 31.08 -0.37
C GLY C 267 7.61 31.08 0.56
N LYS C 268 7.87 30.87 1.84
CA LYS C 268 6.84 30.80 2.86
C LYS C 268 7.14 31.86 3.93
N TYR C 269 6.09 32.41 4.54
CA TYR C 269 6.29 33.46 5.54
C TYR C 269 5.45 33.24 6.79
N GLY C 270 5.97 33.69 7.93
CA GLY C 270 5.20 33.56 9.16
C GLY C 270 4.09 34.60 9.18
N PHE C 271 2.91 34.27 9.70
CA PHE C 271 1.85 35.25 9.77
C PHE C 271 1.59 35.73 11.20
N TYR C 272 1.33 37.03 11.33
CA TYR C 272 1.14 37.66 12.63
C TYR C 272 -0.18 38.41 12.73
N THR C 273 -0.77 38.40 13.93
CA THR C 273 -2.01 39.12 14.16
C THR C 273 -1.60 40.58 14.22
N HIS C 274 -2.27 41.41 13.44
CA HIS C 274 -1.97 42.85 13.36
C HIS C 274 -2.56 43.51 14.62
N VAL C 275 -1.72 43.85 15.59
CA VAL C 275 -2.21 44.43 16.83
C VAL C 275 -2.97 45.75 16.68
N PHE C 276 -2.40 46.74 15.97
CA PHE C 276 -3.09 48.00 15.83
C PHE C 276 -4.49 47.83 15.27
N ARG C 277 -4.64 46.96 14.28
CA ARG C 277 -5.94 46.72 13.66
C ARG C 277 -6.98 46.18 14.63
N LEU C 278 -6.54 45.64 15.76
CA LEU C 278 -7.47 45.06 16.72
C LEU C 278 -7.48 45.83 18.06
N LYS C 279 -6.85 47.01 18.06
CA LYS C 279 -6.73 47.81 19.27
C LYS C 279 -8.06 48.35 19.83
N LYS C 280 -9.06 48.56 18.99
CA LYS C 280 -10.33 49.03 19.52
C LYS C 280 -10.93 47.93 20.40
N TRP C 281 -10.86 46.68 19.94
CA TRP C 281 -11.38 45.59 20.75
C TRP C 281 -10.57 45.51 22.05
N ILE C 282 -9.24 45.58 21.96
CA ILE C 282 -8.38 45.52 23.14
C ILE C 282 -8.76 46.59 24.16
N GLN C 283 -8.84 47.83 23.70
CA GLN C 283 -9.20 48.97 24.56
C GLN C 283 -10.56 48.78 25.21
N LYS C 284 -11.56 48.31 24.46
CA LYS C 284 -12.90 48.10 25.02
C LYS C 284 -12.84 47.07 26.13
N VAL C 285 -12.10 45.98 25.91
CA VAL C 285 -12.00 44.95 26.91
C VAL C 285 -11.37 45.50 28.19
N ILE C 286 -10.19 46.11 28.10
CA ILE C 286 -9.55 46.67 29.29
C ILE C 286 -10.42 47.73 30.02
N ASP C 287 -11.19 48.51 29.26
CA ASP C 287 -12.04 49.57 29.81
C ASP C 287 -13.33 49.08 30.47
N GLN C 288 -13.88 48.00 29.95
CA GLN C 288 -15.12 47.46 30.48
C GLN C 288 -14.90 46.41 31.58
N PHE C 289 -13.69 45.86 31.68
CA PHE C 289 -13.43 44.84 32.69
C PHE C 289 -12.20 45.04 33.53
N GLY C 290 -11.56 46.19 33.41
CA GLY C 290 -10.34 46.47 34.16
C GLY C 290 -10.41 46.15 35.65
N ILE D 1 11.34 29.17 17.97
CA ILE D 1 12.00 30.17 17.07
C ILE D 1 13.11 29.48 16.23
N VAL D 2 13.00 29.59 14.91
CA VAL D 2 13.99 28.98 14.03
C VAL D 2 15.02 30.02 13.62
N THR D 3 16.28 29.76 13.90
CA THR D 3 17.34 30.69 13.52
C THR D 3 18.55 30.03 12.85
N LYS D 4 18.77 28.74 13.09
CA LYS D 4 19.93 28.04 12.53
C LYS D 4 19.65 27.14 11.35
N ASP D 5 20.73 26.83 10.63
CA ASP D 5 20.65 25.97 9.46
C ASP D 5 21.28 24.64 9.87
N TYR D 6 20.51 23.56 9.76
CA TYR D 6 21.01 22.25 10.14
C TYR D 6 21.26 21.37 8.90
N SER D 7 21.21 22.00 7.72
CA SER D 7 21.41 21.31 6.44
C SER D 7 22.78 20.62 6.24
N LYS D 8 23.81 21.04 6.96
CA LYS D 8 25.12 20.40 6.78
C LYS D 8 25.51 19.62 8.03
N GLU D 9 24.51 19.25 8.82
CA GLU D 9 24.79 18.57 10.06
C GLU D 9 24.59 17.08 10.09
N SER D 10 24.13 16.51 8.99
CA SER D 10 23.90 15.07 8.96
C SER D 10 25.18 14.26 8.77
N ARG D 11 25.20 13.07 9.36
CA ARG D 11 26.36 12.20 9.20
C ARG D 11 26.09 11.19 8.08
N VAL D 12 24.97 11.33 7.38
CA VAL D 12 24.66 10.39 6.32
C VAL D 12 25.51 10.69 5.09
N ASN D 13 26.04 9.64 4.48
CA ASN D 13 26.87 9.80 3.30
C ASN D 13 26.02 10.21 2.14
N GLU D 14 26.45 11.26 1.46
CA GLU D 14 25.75 11.80 0.31
C GLU D 14 25.34 10.76 -0.74
N ASN D 15 26.04 9.62 -0.80
CA ASN D 15 25.67 8.63 -1.81
C ASN D 15 24.76 7.53 -1.26
N SER D 16 24.57 7.49 0.05
CA SER D 16 23.68 6.47 0.61
C SER D 16 22.28 6.46 -0.04
N LYS D 17 21.76 7.62 -0.41
CA LYS D 17 20.42 7.66 -0.99
C LYS D 17 20.30 7.06 -2.38
N TYR D 18 21.44 6.79 -3.02
CA TYR D 18 21.42 6.22 -4.37
C TYR D 18 21.45 4.69 -4.35
N GLY D 19 21.52 4.11 -3.16
CA GLY D 19 21.50 2.66 -3.01
C GLY D 19 20.14 2.06 -3.37
N THR D 20 19.95 0.80 -3.05
CA THR D 20 18.71 0.10 -3.36
C THR D 20 17.55 0.55 -2.44
N LEU D 21 16.46 0.99 -3.04
CA LEU D 21 15.31 1.44 -2.24
C LEU D 21 14.59 0.26 -1.56
N ILE D 22 14.17 0.48 -0.32
CA ILE D 22 13.45 -0.54 0.47
C ILE D 22 12.02 -0.72 -0.07
N SER D 23 11.51 -1.95 -0.07
CA SER D 23 10.15 -2.21 -0.51
C SER D 23 9.21 -1.42 0.42
N ASP D 24 8.18 -0.83 -0.16
CA ASP D 24 7.25 0.01 0.59
C ASP D 24 6.72 -0.62 1.88
N TRP D 25 6.26 -1.86 1.82
CA TRP D 25 5.71 -2.52 3.00
C TRP D 25 6.68 -2.64 4.12
N TYR D 26 7.97 -2.71 3.80
CA TYR D 26 8.98 -2.84 4.83
C TYR D 26 9.46 -1.44 5.25
N LEU D 27 9.37 -0.50 4.30
CA LEU D 27 9.76 0.89 4.52
C LEU D 27 9.01 1.52 5.71
N LYS D 28 7.70 1.32 5.73
CA LYS D 28 6.84 1.89 6.77
C LYS D 28 7.41 1.61 8.15
N GLY D 29 7.83 0.38 8.37
CA GLY D 29 8.37 0.04 9.68
C GLY D 29 9.72 0.66 9.96
N ARG D 30 10.50 0.91 8.92
CA ARG D 30 11.79 1.54 9.15
C ARG D 30 11.60 3.03 9.48
N LEU D 31 10.60 3.66 8.89
CA LEU D 31 10.35 5.07 9.19
C LEU D 31 9.83 5.21 10.64
N THR D 32 8.93 4.32 11.04
CA THR D 32 8.41 4.39 12.40
C THR D 32 9.55 4.21 13.38
N SER D 33 10.47 3.30 13.07
CA SER D 33 11.63 3.07 13.93
C SER D 33 12.51 4.32 14.01
N LEU D 34 12.62 5.09 12.93
CA LEU D 34 13.44 6.30 12.96
C LEU D 34 12.75 7.37 13.82
N GLU D 35 11.44 7.45 13.68
CA GLU D 35 10.62 8.40 14.43
C GLU D 35 10.84 8.12 15.92
N SER D 36 10.85 6.84 16.30
CA SER D 36 11.05 6.46 17.71
C SER D 36 12.42 6.82 18.22
N GLN D 37 13.43 6.65 17.39
CA GLN D 37 14.77 6.97 17.82
C GLN D 37 14.87 8.46 18.12
N PHE D 38 14.22 9.28 17.29
CA PHE D 38 14.25 10.73 17.50
C PHE D 38 13.54 11.08 18.80
N ILE D 39 12.39 10.46 19.02
CA ILE D 39 11.62 10.73 20.22
C ILE D 39 12.45 10.36 21.43
N ASN D 40 13.10 9.21 21.37
CA ASN D 40 13.94 8.80 22.48
C ASN D 40 15.11 9.75 22.73
N ALA D 41 15.76 10.21 21.66
CA ALA D 41 16.93 11.11 21.81
C ALA D 41 16.51 12.47 22.38
N LEU D 42 15.39 13.01 21.90
CA LEU D 42 14.91 14.29 22.42
C LEU D 42 14.49 14.10 23.88
N GLY D 43 13.95 12.93 24.20
CA GLY D 43 13.53 12.67 25.57
C GLY D 43 14.67 12.69 26.55
N ILE D 44 15.78 12.09 26.16
CA ILE D 44 16.93 12.06 27.04
C ILE D 44 17.39 13.48 27.23
N LEU D 45 17.35 14.23 26.14
CA LEU D 45 17.76 15.63 26.14
C LEU D 45 16.96 16.42 27.18
N GLU D 46 15.63 16.25 27.15
CA GLU D 46 14.71 16.93 28.05
C GLU D 46 14.68 16.48 29.51
N THR D 47 15.36 15.39 29.85
CA THR D 47 15.37 14.92 31.25
C THR D 47 15.62 16.07 32.27
N TYR D 48 14.73 16.20 33.24
CA TYR D 48 14.81 17.26 34.25
C TYR D 48 16.18 17.44 34.85
N HIS D 49 16.80 16.32 35.18
CA HIS D 49 18.14 16.31 35.78
C HIS D 49 19.13 17.19 34.98
N TYR D 50 18.98 17.18 33.66
CA TYR D 50 19.88 17.93 32.78
C TYR D 50 19.48 19.38 32.55
N GLY D 51 18.45 19.83 33.26
CA GLY D 51 17.98 21.20 33.12
C GLY D 51 18.88 22.20 33.82
N GLU D 52 20.05 21.76 34.21
CA GLU D 52 21.03 22.59 34.90
C GLU D 52 21.93 23.31 33.86
N LYS D 53 22.46 24.47 34.24
CA LYS D 53 23.31 25.25 33.34
C LYS D 53 24.58 24.54 32.85
N GLU D 54 25.18 23.72 33.72
CA GLU D 54 26.40 23.02 33.33
C GLU D 54 26.21 22.03 32.19
N TYR D 55 24.97 21.74 31.80
CA TYR D 55 24.69 20.78 30.75
C TYR D 55 24.41 21.47 29.42
N LYS D 56 24.45 22.81 29.41
CA LYS D 56 24.16 23.58 28.20
C LYS D 56 24.84 23.14 26.92
N ASP D 57 26.17 23.11 26.95
CA ASP D 57 26.92 22.72 25.77
C ASP D 57 26.62 21.29 25.34
N ALA D 58 26.73 20.38 26.28
CA ALA D 58 26.46 18.99 26.01
C ALA D 58 25.11 18.84 25.32
N LYS D 59 24.14 19.62 25.78
CA LYS D 59 22.78 19.56 25.23
C LYS D 59 22.70 20.23 23.87
N ASP D 60 23.41 21.34 23.71
CA ASP D 60 23.42 22.06 22.43
C ASP D 60 24.02 21.15 21.37
N LYS D 61 25.09 20.47 21.75
CA LYS D 61 25.79 19.54 20.89
C LYS D 61 24.85 18.40 20.48
N LEU D 62 24.15 17.82 21.44
CA LEU D 62 23.24 16.71 21.11
C LEU D 62 22.08 17.15 20.23
N MET D 63 21.53 18.33 20.53
CA MET D 63 20.39 18.90 19.79
C MET D 63 20.76 19.14 18.33
N THR D 64 21.96 19.66 18.12
CA THR D 64 22.46 19.93 16.77
C THR D 64 22.56 18.62 15.97
N ARG D 65 23.05 17.57 16.62
CA ARG D 65 23.17 16.25 15.97
C ARG D 65 21.78 15.70 15.64
N ILE D 66 20.85 15.82 16.60
CA ILE D 66 19.49 15.36 16.39
C ILE D 66 18.79 16.13 15.31
N LEU D 67 18.88 17.46 15.33
CA LEU D 67 18.18 18.25 14.30
C LEU D 67 18.84 18.04 12.96
N GLY D 68 20.14 17.73 13.01
CA GLY D 68 20.87 17.47 11.80
C GLY D 68 20.32 16.23 11.11
N GLU D 69 20.08 15.15 11.85
CA GLU D 69 19.53 13.97 11.19
C GLU D 69 18.07 14.18 10.86
N ASP D 70 17.39 15.01 11.65
CA ASP D 70 16.00 15.28 11.34
C ASP D 70 15.94 16.07 10.04
N GLN D 71 16.83 17.05 9.88
CA GLN D 71 16.84 17.85 8.65
C GLN D 71 17.15 16.98 7.43
N TYR D 72 18.02 15.97 7.60
CA TYR D 72 18.32 15.07 6.48
C TYR D 72 17.03 14.43 5.93
N LEU D 73 16.22 13.85 6.82
CA LEU D 73 14.96 13.21 6.41
C LEU D 73 13.96 14.26 5.86
N LEU D 74 13.89 15.43 6.49
CA LEU D 74 12.98 16.49 6.00
C LEU D 74 13.38 16.93 4.58
N GLU D 75 14.68 17.04 4.30
CA GLU D 75 15.11 17.41 2.94
C GLU D 75 14.78 16.29 1.94
N ARG D 76 14.93 15.04 2.36
CA ARG D 76 14.60 13.94 1.46
C ARG D 76 13.12 13.98 1.13
N LYS D 77 12.32 14.25 2.15
CA LYS D 77 10.88 14.33 1.93
C LYS D 77 10.56 15.43 0.90
N LYS D 78 11.18 16.59 1.08
CA LYS D 78 10.95 17.70 0.17
C LYS D 78 11.34 17.35 -1.26
N VAL D 79 12.50 16.75 -1.41
CA VAL D 79 12.92 16.36 -2.74
C VAL D 79 11.95 15.34 -3.29
N GLN D 80 11.61 14.33 -2.50
CA GLN D 80 10.69 13.32 -3.01
C GLN D 80 9.28 13.83 -3.30
N TYR D 81 8.79 14.81 -2.53
CA TYR D 81 7.44 15.33 -2.78
C TYR D 81 7.41 16.04 -4.14
N GLU D 82 8.48 16.74 -4.49
CA GLU D 82 8.54 17.41 -5.78
C GLU D 82 8.44 16.39 -6.90
N GLU D 83 9.16 15.29 -6.76
CA GLU D 83 9.11 14.23 -7.76
C GLU D 83 7.73 13.66 -7.83
N TYR D 84 7.13 13.44 -6.65
CA TYR D 84 5.79 12.87 -6.56
C TYR D 84 4.73 13.71 -7.32
N LYS D 85 4.81 15.04 -7.19
CA LYS D 85 3.85 15.91 -7.87
C LYS D 85 3.99 15.75 -9.39
N LYS D 86 5.22 15.72 -9.88
CA LYS D 86 5.41 15.54 -11.32
C LYS D 86 4.81 14.20 -11.73
N LEU D 87 4.99 13.17 -10.90
CA LEU D 87 4.44 11.85 -11.21
C LEU D 87 2.93 11.85 -11.19
N TYR D 88 2.37 12.54 -10.21
CA TYR D 88 0.91 12.64 -10.09
C TYR D 88 0.33 13.30 -11.35
N LYS D 89 1.03 14.30 -11.87
CA LYS D 89 0.52 14.98 -13.05
C LYS D 89 0.56 14.03 -14.22
N LYS D 90 1.64 13.28 -14.32
CA LYS D 90 1.75 12.32 -15.41
C LYS D 90 0.60 11.33 -15.20
N TYR D 91 0.43 10.85 -13.97
CA TYR D 91 -0.64 9.91 -13.68
C TYR D 91 -2.02 10.43 -14.11
N LYS D 92 -2.23 11.72 -13.99
CA LYS D 92 -3.53 12.29 -14.36
C LYS D 92 -3.76 12.32 -15.87
N GLU D 93 -2.69 12.59 -16.61
CA GLU D 93 -2.77 12.61 -18.06
C GLU D 93 -3.08 11.20 -18.57
N GLU D 94 -2.66 10.19 -17.82
CA GLU D 94 -2.88 8.80 -18.23
C GLU D 94 -4.22 8.25 -17.77
N ASN D 95 -4.79 8.85 -16.73
CA ASN D 95 -6.09 8.40 -16.23
C ASN D 95 -6.95 9.65 -15.99
N PRO D 96 -7.33 10.35 -17.06
CA PRO D 96 -8.14 11.57 -16.95
C PRO D 96 -9.46 11.40 -16.18
N THR D 97 -10.03 10.20 -16.20
CA THR D 97 -11.26 9.99 -15.47
C THR D 97 -11.00 9.69 -14.00
N SER D 98 -9.73 9.80 -13.58
CA SER D 98 -9.39 9.52 -12.18
C SER D 98 -9.80 10.67 -11.27
N LYS D 99 -10.35 10.33 -10.11
CA LYS D 99 -10.78 11.35 -9.16
C LYS D 99 -9.82 11.44 -7.99
N VAL D 100 -8.77 10.64 -8.03
CA VAL D 100 -7.78 10.63 -6.95
C VAL D 100 -7.13 12.01 -6.81
N LYS D 101 -7.02 12.47 -5.57
CA LYS D 101 -6.45 13.77 -5.27
C LYS D 101 -4.98 13.70 -4.90
N MET D 102 -4.24 14.72 -5.33
CA MET D 102 -2.83 14.79 -5.04
C MET D 102 -2.65 15.09 -3.57
N LYS D 103 -1.83 14.30 -2.89
CA LYS D 103 -1.56 14.52 -1.48
C LYS D 103 -0.85 15.84 -1.29
N THR D 104 -1.04 16.43 -0.12
CA THR D 104 -0.40 17.69 0.22
C THR D 104 0.93 17.28 0.86
N PHE D 105 1.88 18.21 0.95
CA PHE D 105 3.15 17.89 1.55
C PHE D 105 2.99 17.27 2.94
N ASP D 106 2.07 17.79 3.75
CA ASP D 106 1.92 17.26 5.10
C ASP D 106 1.29 15.89 5.13
N GLN D 107 0.56 15.54 4.09
CA GLN D 107 -0.05 14.21 4.04
C GLN D 107 0.94 13.19 3.46
N TYR D 108 1.78 13.68 2.55
CA TYR D 108 2.78 12.86 1.90
C TYR D 108 3.73 12.31 2.93
N THR D 109 4.28 11.14 2.65
CA THR D 109 5.28 10.53 3.53
C THR D 109 6.41 10.03 2.63
N ILE D 110 7.61 9.95 3.19
CA ILE D 110 8.79 9.49 2.46
C ILE D 110 8.53 8.16 1.75
N GLU D 111 8.85 8.12 0.46
CA GLU D 111 8.65 6.93 -0.37
C GLU D 111 9.93 6.14 -0.66
N ASP D 112 11.07 6.81 -0.60
CA ASP D 112 12.37 6.21 -0.93
C ASP D 112 13.35 6.28 0.21
N LEU D 113 13.90 5.13 0.60
CA LEU D 113 14.91 5.12 1.66
C LEU D 113 15.71 3.87 1.41
N THR D 114 17.00 3.90 1.75
CA THR D 114 17.83 2.70 1.54
C THR D 114 18.25 2.18 2.91
N MET D 115 18.64 0.91 3.00
CA MET D 115 19.09 0.41 4.29
C MET D 115 20.33 1.19 4.67
N ARG D 116 21.11 1.61 3.69
CA ARG D 116 22.30 2.37 4.02
C ARG D 116 21.89 3.67 4.76
N GLU D 117 20.85 4.36 4.28
CA GLU D 117 20.42 5.59 4.95
C GLU D 117 19.91 5.28 6.37
N TYR D 118 19.07 4.25 6.48
CA TYR D 118 18.50 3.86 7.77
C TYR D 118 19.61 3.59 8.77
N ASN D 119 20.56 2.74 8.38
CA ASN D 119 21.66 2.38 9.28
C ASN D 119 22.53 3.57 9.67
N GLU D 120 22.78 4.45 8.71
CA GLU D 120 23.61 5.63 9.01
C GLU D 120 22.90 6.63 9.94
N LEU D 121 21.60 6.82 9.73
CA LEU D 121 20.81 7.73 10.58
C LEU D 121 20.82 7.12 11.97
N THR D 122 20.57 5.81 12.03
CA THR D 122 20.50 5.08 13.29
C THR D 122 21.81 5.15 14.05
N GLU D 123 22.93 4.90 13.37
CA GLU D 123 24.22 4.96 14.05
C GLU D 123 24.57 6.38 14.41
N SER D 124 24.14 7.32 13.59
CA SER D 124 24.45 8.71 13.91
C SER D 124 23.75 9.13 15.23
N LEU D 125 22.43 8.89 15.34
CA LEU D 125 21.74 9.26 16.58
C LEU D 125 22.32 8.52 17.78
N LYS D 126 22.61 7.23 17.60
CA LYS D 126 23.16 6.38 18.65
C LYS D 126 24.46 6.98 19.15
N SER D 127 25.30 7.34 18.20
CA SER D 127 26.59 7.92 18.50
C SER D 127 26.41 9.29 19.17
N ALA D 128 25.39 10.03 18.77
CA ALA D 128 25.16 11.34 19.35
C ALA D 128 24.77 11.20 20.83
N VAL D 129 23.89 10.25 21.12
CA VAL D 129 23.46 10.00 22.51
C VAL D 129 24.68 9.54 23.32
N LYS D 130 25.47 8.65 22.74
CA LYS D 130 26.66 8.15 23.41
C LYS D 130 27.60 9.30 23.83
N ASP D 131 27.83 10.26 22.93
CA ASP D 131 28.70 11.39 23.27
C ASP D 131 28.07 12.21 24.37
N PHE D 132 26.75 12.36 24.31
CA PHE D 132 26.03 13.13 25.32
C PHE D 132 26.24 12.50 26.67
N GLU D 133 26.15 11.17 26.73
CA GLU D 133 26.33 10.46 27.98
C GLU D 133 27.76 10.60 28.46
N LYS D 134 28.72 10.64 27.54
CA LYS D 134 30.10 10.79 27.98
C LYS D 134 30.26 12.21 28.50
N ASP D 135 29.69 13.17 27.79
CA ASP D 135 29.78 14.57 28.21
C ASP D 135 29.19 14.79 29.59
N VAL D 136 28.01 14.19 29.80
CA VAL D 136 27.31 14.29 31.08
C VAL D 136 28.19 13.73 32.20
N GLU D 137 28.77 12.57 31.92
CA GLU D 137 29.63 11.88 32.89
C GLU D 137 30.82 12.75 33.32
N ILE D 138 31.35 13.52 32.36
CA ILE D 138 32.48 14.39 32.65
C ILE D 138 32.01 15.57 33.47
N ILE D 139 30.83 16.10 33.12
CA ILE D 139 30.27 17.21 33.86
C ILE D 139 30.05 16.82 35.34
N GLU D 140 29.53 15.63 35.56
CA GLU D 140 29.23 15.17 36.90
C GLU D 140 30.41 14.79 37.77
N ASN D 141 31.59 14.64 37.17
CA ASN D 141 32.78 14.30 37.93
C ASN D 141 33.42 15.58 38.39
N GLN D 142 33.12 16.67 37.70
CA GLN D 142 33.65 17.99 38.02
C GLN D 142 32.70 18.82 38.89
N HIS D 143 31.45 18.38 39.00
CA HIS D 143 30.48 19.08 39.82
C HIS D 143 29.79 18.01 40.64
N HIS D 144 30.38 17.67 41.78
CA HIS D 144 29.81 16.62 42.62
C HIS D 144 28.36 16.80 43.05
N ASP D 145 27.88 18.05 43.06
CA ASP D 145 26.49 18.30 43.44
C ASP D 145 25.54 17.87 42.32
N LEU D 146 26.09 17.50 41.15
CA LEU D 146 25.25 17.05 40.03
C LEU D 146 25.24 15.52 39.86
N LYS D 147 26.14 14.87 40.57
CA LYS D 147 26.28 13.40 40.53
C LYS D 147 24.98 12.78 41.01
N PRO D 148 24.43 11.81 40.26
CA PRO D 148 23.18 11.26 40.79
C PRO D 148 23.29 10.53 42.14
N PHE D 149 22.20 10.58 42.91
CA PHE D 149 22.18 9.95 44.22
C PHE D 149 22.02 8.44 44.05
N THR D 150 22.41 7.68 45.06
CA THR D 150 22.13 6.25 45.05
C THR D 150 20.59 6.27 45.31
N ASP D 151 19.91 5.16 45.08
CA ASP D 151 18.47 5.12 45.29
C ASP D 151 18.11 5.51 46.72
N GLU D 152 18.89 5.04 47.69
CA GLU D 152 18.60 5.38 49.05
C GLU D 152 18.74 6.89 49.32
N MET D 153 19.84 7.50 48.89
CA MET D 153 20.02 8.94 49.10
C MET D 153 18.90 9.73 48.41
N GLU D 154 18.45 9.28 47.24
CA GLU D 154 17.37 9.95 46.52
C GLU D 154 16.05 9.82 47.26
N GLU D 155 15.80 8.65 47.84
CA GLU D 155 14.56 8.42 48.55
C GLU D 155 14.47 9.40 49.73
N LYS D 156 15.58 9.55 50.43
CA LYS D 156 15.64 10.45 51.57
C LYS D 156 15.45 11.88 51.16
N ALA D 157 16.25 12.32 50.18
CA ALA D 157 16.16 13.69 49.68
C ALA D 157 14.73 13.97 49.21
N THR D 158 14.17 13.06 48.44
CA THR D 158 12.81 13.23 47.95
C THR D 158 11.79 13.33 49.12
N ALA D 159 12.04 12.66 50.23
CA ALA D 159 11.08 12.72 51.34
C ALA D 159 11.12 14.08 52.03
N ARG D 160 12.30 14.68 52.11
CA ARG D 160 12.38 15.98 52.74
C ARG D 160 11.65 16.97 51.85
N VAL D 161 11.81 16.82 50.55
CA VAL D 161 11.16 17.71 49.60
C VAL D 161 9.65 17.59 49.69
N ASP D 162 9.15 16.37 49.72
CA ASP D 162 7.71 16.16 49.77
C ASP D 162 7.15 16.65 51.12
N ASP D 163 7.92 16.49 52.19
CA ASP D 163 7.47 16.94 53.48
C ASP D 163 7.25 18.46 53.45
N LEU D 164 8.25 19.21 52.99
CA LEU D 164 8.15 20.67 52.91
C LEU D 164 6.96 21.04 52.05
N ALA D 165 6.84 20.41 50.90
CA ALA D 165 5.74 20.74 50.03
C ALA D 165 4.42 20.52 50.76
N ASN D 166 4.35 19.47 51.58
CA ASN D 166 3.13 19.16 52.32
C ASN D 166 2.83 20.23 53.37
N LYS D 167 3.86 20.90 53.87
CA LYS D 167 3.63 21.96 54.82
C LYS D 167 3.02 23.12 54.03
N ALA D 168 3.51 23.31 52.80
CA ALA D 168 2.99 24.36 51.94
C ALA D 168 1.52 24.06 51.65
N TYR D 169 1.19 22.79 51.39
CA TYR D 169 -0.19 22.47 51.09
C TYR D 169 -1.10 22.75 52.29
N SER D 170 -0.59 22.60 53.51
CA SER D 170 -1.37 22.89 54.71
C SER D 170 -1.71 24.38 54.69
N VAL D 171 -0.69 25.23 54.53
CA VAL D 171 -0.96 26.66 54.48
C VAL D 171 -2.00 26.94 53.41
N TYR D 172 -1.84 26.31 52.24
CA TYR D 172 -2.80 26.51 51.16
C TYR D 172 -4.23 26.16 51.64
N PHE D 173 -4.40 24.97 52.22
CA PHE D 173 -5.72 24.55 52.68
C PHE D 173 -6.29 25.47 53.77
N ALA D 174 -5.42 26.04 54.59
CA ALA D 174 -5.85 26.91 55.67
C ALA D 174 -6.34 28.29 55.25
N PHE D 175 -6.08 28.67 54.00
CA PHE D 175 -6.50 29.98 53.54
C PHE D 175 -7.27 30.01 52.24
N VAL D 176 -7.46 28.85 51.63
CA VAL D 176 -8.20 28.79 50.37
C VAL D 176 -9.70 29.16 50.55
N ARG D 177 -10.20 29.15 51.78
CA ARG D 177 -11.62 29.54 52.00
C ARG D 177 -11.69 30.91 52.69
N ASP D 178 -10.54 31.55 52.83
CA ASP D 178 -10.44 32.86 53.44
C ASP D 178 -10.52 33.92 52.33
N THR D 179 -11.71 34.48 52.12
CA THR D 179 -11.93 35.48 51.09
C THR D 179 -10.82 36.53 50.95
N GLN D 180 -10.23 36.93 52.06
CA GLN D 180 -9.17 37.91 52.01
C GLN D 180 -7.85 37.42 51.46
N HIS D 181 -7.55 36.13 51.64
CA HIS D 181 -6.27 35.59 51.18
C HIS D 181 -6.34 34.46 50.16
N LYS D 182 -7.53 34.18 49.65
CA LYS D 182 -7.72 33.12 48.67
C LYS D 182 -6.76 33.11 47.48
N THR D 183 -6.73 34.19 46.72
CA THR D 183 -5.85 34.26 45.57
C THR D 183 -4.40 33.88 45.90
N GLU D 184 -3.90 34.39 47.01
CA GLU D 184 -2.53 34.07 47.38
C GLU D 184 -2.38 32.59 47.69
N ALA D 185 -3.47 32.01 48.16
CA ALA D 185 -3.48 30.60 48.54
C ALA D 185 -3.50 29.76 47.28
N LEU D 186 -4.37 30.13 46.35
CA LEU D 186 -4.49 29.40 45.11
C LEU D 186 -3.18 29.43 44.35
N GLU D 187 -2.49 30.57 44.37
CA GLU D 187 -1.22 30.68 43.66
C GLU D 187 -0.16 29.86 44.36
N LEU D 188 -0.21 29.84 45.69
CA LEU D 188 0.72 29.04 46.47
C LEU D 188 0.62 27.58 46.07
N LYS D 189 -0.61 27.09 45.97
CA LYS D 189 -0.81 25.72 45.56
C LYS D 189 -0.30 25.49 44.14
N ALA D 190 -0.65 26.38 43.22
CA ALA D 190 -0.24 26.25 41.83
C ALA D 190 1.26 26.30 41.68
N LYS D 191 1.93 27.14 42.47
CA LYS D 191 3.37 27.25 42.36
C LYS D 191 4.09 26.05 42.98
N VAL D 192 3.49 25.44 44.01
CA VAL D 192 4.08 24.26 44.64
C VAL D 192 3.91 23.13 43.63
N ASP D 193 2.76 23.06 42.99
CA ASP D 193 2.54 22.04 41.98
C ASP D 193 3.52 22.16 40.79
N LEU D 194 3.75 23.38 40.34
CA LEU D 194 4.62 23.67 39.22
C LEU D 194 6.04 23.17 39.49
N VAL D 195 6.62 23.54 40.62
CA VAL D 195 7.99 23.14 40.87
C VAL D 195 8.18 21.65 41.13
N LEU D 196 7.13 20.99 41.61
CA LEU D 196 7.19 19.58 41.90
C LEU D 196 7.06 18.73 40.65
N GLY D 197 6.23 19.18 39.70
CA GLY D 197 5.99 18.44 38.47
C GLY D 197 4.64 17.73 38.56
N ASP D 198 4.26 16.99 37.52
CA ASP D 198 2.99 16.26 37.55
C ASP D 198 3.01 15.26 38.69
N GLU D 199 1.85 14.99 39.28
CA GLU D 199 1.82 14.06 40.40
C GLU D 199 2.20 12.66 40.02
N ASP D 200 1.79 12.22 38.82
CA ASP D 200 2.11 10.89 38.33
C ASP D 200 3.58 10.70 37.91
N LYS D 201 4.27 11.81 37.60
CA LYS D 201 5.67 11.72 37.20
C LYS D 201 6.40 12.98 37.63
N PRO D 202 6.58 13.14 38.94
CA PRO D 202 7.25 14.34 39.45
C PRO D 202 8.71 14.40 39.11
N HIS D 203 9.30 15.59 39.18
CA HIS D 203 10.71 15.73 38.90
C HIS D 203 11.48 15.02 40.01
N ARG D 204 12.37 14.10 39.64
CA ARG D 204 13.13 13.40 40.66
C ARG D 204 14.15 14.31 41.33
N ILE D 205 14.37 14.06 42.61
CA ILE D 205 15.30 14.83 43.40
C ILE D 205 16.48 13.86 43.29
N SER D 206 17.14 13.92 42.14
CA SER D 206 18.23 13.00 41.81
C SER D 206 19.64 13.35 42.21
N ASN D 207 19.85 14.55 42.74
CA ASN D 207 21.17 14.91 43.17
C ASN D 207 21.10 15.99 44.24
N GLU D 208 22.24 16.33 44.79
CA GLU D 208 22.34 17.33 45.85
C GLU D 208 21.88 18.71 45.45
N ARG D 209 22.14 19.07 44.19
CA ARG D 209 21.78 20.37 43.72
C ARG D 209 20.28 20.52 43.63
N ILE D 210 19.61 19.55 43.04
CA ILE D 210 18.17 19.61 42.92
C ILE D 210 17.54 19.57 44.32
N GLU D 211 18.13 18.82 45.23
CA GLU D 211 17.58 18.77 46.59
C GLU D 211 17.66 20.16 47.22
N LYS D 212 18.86 20.74 47.21
CA LYS D 212 19.06 22.04 47.80
C LYS D 212 18.23 23.16 47.15
N GLU D 213 18.12 23.14 45.82
CA GLU D 213 17.36 24.18 45.13
C GLU D 213 15.85 24.00 45.21
N MET D 214 15.39 22.76 45.22
CA MET D 214 13.96 22.49 45.28
C MET D 214 13.46 22.91 46.68
N ILE D 215 14.30 22.68 47.69
CA ILE D 215 13.98 23.05 49.06
C ILE D 215 13.96 24.56 49.15
N LYS D 216 14.97 25.24 48.61
CA LYS D 216 15.00 26.68 48.65
C LYS D 216 13.81 27.27 47.87
N ASP D 217 13.45 26.65 46.75
CA ASP D 217 12.33 27.15 45.95
C ASP D 217 11.05 27.03 46.78
N LEU D 218 10.80 25.83 47.30
CA LEU D 218 9.62 25.58 48.11
C LEU D 218 9.55 26.54 49.29
N GLU D 219 10.67 26.78 49.97
CA GLU D 219 10.69 27.70 51.10
C GLU D 219 10.36 29.10 50.59
N SER D 220 10.98 29.50 49.48
CA SER D 220 10.73 30.81 48.93
C SER D 220 9.28 30.97 48.55
N ILE D 221 8.66 29.91 48.05
CA ILE D 221 7.25 29.95 47.64
C ILE D 221 6.27 30.12 48.82
N ILE D 222 6.62 29.52 49.96
CA ILE D 222 5.82 29.60 51.18
C ILE D 222 5.97 31.02 51.74
N GLU D 223 7.20 31.51 51.71
CA GLU D 223 7.47 32.84 52.20
C GLU D 223 6.78 33.88 51.31
N ASP D 224 6.65 33.60 50.01
CA ASP D 224 5.99 34.54 49.11
C ASP D 224 4.55 34.70 49.61
N PHE D 225 3.92 33.59 49.97
CA PHE D 225 2.54 33.65 50.42
C PHE D 225 2.39 34.61 51.60
N PHE D 226 3.26 34.48 52.59
CA PHE D 226 3.21 35.34 53.75
C PHE D 226 3.59 36.79 53.46
N ILE D 227 4.56 37.00 52.57
CA ILE D 227 5.00 38.35 52.20
C ILE D 227 3.84 39.10 51.56
N GLU D 228 3.15 38.45 50.63
CA GLU D 228 2.03 39.01 49.89
C GLU D 228 0.68 39.20 50.62
N THR D 229 0.33 38.28 51.53
CA THR D 229 -0.92 38.39 52.28
C THR D 229 -0.67 39.31 53.48
N GLY D 230 0.59 39.48 53.83
CA GLY D 230 0.91 40.29 54.98
C GLY D 230 0.88 39.50 56.29
N LEU D 231 0.70 38.18 56.21
CA LEU D 231 0.67 37.33 57.39
C LEU D 231 2.06 36.89 57.84
N ASN D 232 2.20 36.47 59.10
CA ASN D 232 3.49 36.01 59.60
C ASN D 232 3.61 34.46 59.49
N LYS D 233 4.80 34.01 59.13
CA LYS D 233 5.08 32.58 58.95
C LYS D 233 5.38 31.88 60.29
N PRO D 234 4.54 30.92 60.68
CA PRO D 234 4.73 30.20 61.93
C PRO D 234 5.93 29.28 61.84
N ASP D 235 6.59 29.03 62.96
CA ASP D 235 7.75 28.16 62.99
C ASP D 235 7.33 26.72 62.87
N ASN D 236 6.06 26.45 63.10
CA ASN D 236 5.57 25.09 63.03
C ASN D 236 4.32 24.91 62.20
N ILE D 237 4.42 24.06 61.19
CA ILE D 237 3.28 23.77 60.34
C ILE D 237 3.22 22.28 60.23
N THR D 238 2.05 21.71 60.54
CA THR D 238 1.85 20.29 60.45
C THR D 238 1.84 19.93 58.95
N SER D 239 2.68 18.98 58.55
CA SER D 239 2.70 18.57 57.14
C SER D 239 1.36 17.97 56.76
N TYR D 240 0.82 18.37 55.62
CA TYR D 240 -0.45 17.81 55.17
C TYR D 240 -0.24 16.30 54.89
N ASP D 241 -1.22 15.51 55.30
CA ASP D 241 -1.19 14.06 55.12
C ASP D 241 -2.59 13.61 54.72
N SER D 242 -2.75 13.22 53.46
CA SER D 242 -4.05 12.80 52.95
C SER D 242 -4.82 11.78 53.80
N SER D 243 -4.12 10.77 54.30
CA SER D 243 -4.77 9.75 55.10
C SER D 243 -5.35 10.33 56.40
N LYS D 244 -4.81 11.46 56.83
CA LYS D 244 -5.26 12.09 58.05
C LYS D 244 -6.09 13.35 57.83
N HIS D 245 -5.78 14.09 56.77
CA HIS D 245 -6.43 15.37 56.55
C HIS D 245 -7.28 15.57 55.31
N HIS D 246 -7.53 14.53 54.52
CA HIS D 246 -8.31 14.70 53.31
C HIS D 246 -9.61 15.41 53.63
N TYR D 247 -9.87 16.53 52.96
CA TYR D 247 -11.07 17.31 53.26
C TYR D 247 -12.40 16.59 53.04
N LYS D 248 -12.39 15.48 52.30
CA LYS D 248 -13.63 14.75 52.08
C LYS D 248 -13.64 13.42 52.83
N ASN D 249 -12.48 12.77 52.90
CA ASN D 249 -12.37 11.49 53.58
C ASN D 249 -12.11 11.63 55.06
N HIS D 250 -11.63 12.80 55.48
CA HIS D 250 -11.33 13.07 56.89
C HIS D 250 -11.63 14.51 57.24
N SER D 251 -12.89 14.91 57.06
CA SER D 251 -13.37 16.26 57.35
C SER D 251 -12.88 16.78 58.68
N GLU D 252 -13.11 16.00 59.72
CA GLU D 252 -12.69 16.40 61.04
C GLU D 252 -11.22 16.74 61.00
N GLY D 253 -10.39 15.79 60.58
CA GLY D 253 -8.96 16.03 60.51
C GLY D 253 -8.60 17.24 59.65
N PHE D 254 -9.30 17.39 58.56
CA PHE D 254 -9.07 18.52 57.68
C PHE D 254 -9.23 19.79 58.52
N GLU D 255 -10.43 19.98 59.06
CA GLU D 255 -10.73 21.17 59.86
C GLU D 255 -9.77 21.41 60.99
N ALA D 256 -9.35 20.35 61.65
CA ALA D 256 -8.42 20.49 62.74
C ALA D 256 -7.07 20.99 62.22
N LEU D 257 -6.69 20.60 61.01
CA LEU D 257 -5.40 21.03 60.44
C LEU D 257 -5.48 22.53 60.11
N VAL D 258 -6.60 22.94 59.51
CA VAL D 258 -6.83 24.32 59.15
C VAL D 258 -6.82 25.19 60.40
N LYS D 259 -7.64 24.82 61.36
CA LYS D 259 -7.73 25.55 62.62
C LYS D 259 -6.36 25.73 63.26
N GLU D 260 -5.64 24.62 63.40
CA GLU D 260 -4.32 24.66 64.01
C GLU D 260 -3.34 25.55 63.23
N THR D 261 -3.43 25.51 61.90
CA THR D 261 -2.54 26.27 61.03
C THR D 261 -2.85 27.78 61.13
N ARG D 262 -4.14 28.10 61.06
CA ARG D 262 -4.59 29.49 61.19
C ARG D 262 -4.14 30.06 62.53
N GLU D 263 -4.29 29.27 63.59
CA GLU D 263 -3.89 29.75 64.91
C GLU D 263 -2.38 29.96 64.96
N ALA D 264 -1.62 29.04 64.36
CA ALA D 264 -0.18 29.20 64.35
C ALA D 264 0.18 30.53 63.65
N VAL D 265 -0.51 30.85 62.56
CA VAL D 265 -0.21 32.08 61.84
C VAL D 265 -0.50 33.29 62.74
N THR D 266 -1.71 33.34 63.31
CA THR D 266 -2.09 34.40 64.22
C THR D 266 -1.07 34.58 65.35
N ASN D 267 -0.61 33.48 65.92
CA ASN D 267 0.38 33.54 67.00
C ASN D 267 1.81 33.81 66.54
N ALA D 268 2.07 33.85 65.24
CA ALA D 268 3.45 34.07 64.76
C ALA D 268 3.91 35.52 64.76
N ASN D 269 5.19 35.72 65.04
CA ASN D 269 5.74 37.07 65.02
C ASN D 269 6.42 37.26 63.66
N ASP D 270 7.04 38.41 63.44
CA ASP D 270 7.64 38.69 62.14
C ASP D 270 9.15 38.49 62.01
N SER D 271 9.74 37.68 62.90
CA SER D 271 11.18 37.43 62.86
C SER D 271 11.65 36.77 61.57
N TRP D 272 10.83 35.90 61.00
CA TRP D 272 11.15 35.18 59.79
C TRP D 272 11.56 36.10 58.63
N LYS D 273 11.00 37.31 58.59
CA LYS D 273 11.31 38.25 57.51
C LYS D 273 12.81 38.49 57.33
N THR D 274 13.55 38.48 58.44
CA THR D 274 14.99 38.69 58.35
C THR D 274 15.74 37.46 57.83
N LYS D 275 15.03 36.37 57.55
CA LYS D 275 15.68 35.13 57.12
C LYS D 275 15.12 34.51 55.85
N THR D 276 14.37 35.26 55.06
CA THR D 276 13.79 34.67 53.86
C THR D 276 14.81 34.26 52.79
N VAL D 277 14.41 33.34 51.93
CA VAL D 277 15.29 32.89 50.88
C VAL D 277 15.51 34.05 49.91
N LYS D 278 14.42 34.67 49.48
CA LYS D 278 14.47 35.80 48.54
C LYS D 278 14.63 37.15 49.26
N LYS D 279 14.99 38.18 48.50
CA LYS D 279 15.15 39.52 49.07
C LYS D 279 13.85 40.20 48.66
N TYR D 280 13.06 40.68 49.63
CA TYR D 280 11.81 41.31 49.26
C TYR D 280 11.91 42.83 49.41
N GLY D 281 11.10 43.55 48.64
CA GLY D 281 11.14 45.01 48.70
C GLY D 281 12.57 45.48 48.84
C1 0ZJ E . -2.76 -24.46 -9.76
O2 0ZJ E . -3.86 -23.96 -9.53
C2 0ZJ E . -1.78 -23.71 -10.64
S2 0ZJ E . -0.38 -23.17 -9.60
N 0ZJ E . -2.37 -25.68 -9.28
CA 0ZJ E . -3.26 -26.49 -8.47
C 0ZJ E . -3.81 -27.52 -9.45
O 0ZJ E . -3.05 -28.24 -10.07
CB 0ZJ E . -2.49 -27.15 -7.31
CG 0ZJ E . -3.41 -28.01 -6.42
CD1 0ZJ E . -4.36 -27.35 -5.57
CD2 0ZJ E . -3.33 -29.43 -6.42
CE1 0ZJ E . -5.21 -28.13 -4.73
CE2 0ZJ E . -4.18 -30.20 -5.59
CZ 0ZJ E . -5.13 -29.55 -4.74
N1 0ZJ E . -5.15 -27.63 -9.59
CA1 0ZJ E . -5.65 -28.61 -10.55
C3 0ZJ E . -5.37 -28.18 -11.99
O1 0ZJ E . -5.33 -26.99 -12.30
CB1 0ZJ E . -7.17 -28.68 -10.24
CG1 0ZJ E . -7.45 -27.44 -9.47
CD 0ZJ E . -6.21 -27.20 -8.66
N2 0ZJ E . -5.19 -29.15 -12.91
CA2 0ZJ E . -4.90 -28.79 -14.30
C4 0ZJ E . -6.03 -29.15 -15.22
CB2 0ZJ E . -3.60 -29.45 -14.77
CG2 0ZJ E . -2.35 -28.79 -14.19
CD3 0ZJ E . -1.06 -29.55 -14.52
NE 0ZJ E . 0.08 -28.73 -14.15
CZ1 0ZJ E . 1.36 -29.08 -14.31
NH1 0ZJ E . 2.32 -28.23 -13.95
NH2 0ZJ E . 1.71 -30.26 -14.83
O3 0ZJ E . -5.89 -29.02 -16.44
CM 0ZJ E . -7.40 -29.42 -14.57
HG HG F . -1.34 -20.79 -9.39
HG HG G . 0.20 -23.08 -7.43
N1 IMD H . 2.97 -8.38 3.50
C2 IMD H . 3.67 -9.35 2.93
N3 IMD H . 4.69 -9.72 3.76
C4 IMD H . 4.62 -8.94 4.88
C5 IMD H . 3.57 -8.11 4.75
N1 IMD I . -29.79 -30.00 -48.58
C2 IMD I . -31.05 -30.16 -49.03
N3 IMD I . -31.89 -29.31 -48.37
C4 IMD I . -31.13 -28.60 -47.48
C5 IMD I . -29.83 -29.00 -47.58
N1 IMD J . -37.55 -28.07 -27.53
C2 IMD J . -38.53 -28.49 -28.31
N3 IMD J . -39.38 -29.27 -27.59
C4 IMD J . -38.90 -29.33 -26.30
C5 IMD J . -37.77 -28.61 -26.23
C1 0ZJ K . 0.24 24.11 10.82
O2 0ZJ K . -0.60 23.34 11.29
C2 0ZJ K . 1.69 23.62 10.66
S2 0ZJ K . 2.05 23.36 8.86
N 0ZJ K . -0.04 25.37 10.43
CA 0ZJ K . -1.38 25.93 10.56
C 0ZJ K . -1.26 26.91 11.72
O 0ZJ K . -0.39 27.79 11.69
CB 0ZJ K . -1.79 26.67 9.24
CG 0ZJ K . -3.20 27.24 9.35
CD1 0ZJ K . -4.31 26.36 9.30
CD2 0ZJ K . -3.40 28.64 9.46
CE1 0ZJ K . -5.63 26.88 9.39
CE2 0ZJ K . -4.72 29.16 9.54
CZ 0ZJ K . -5.84 28.27 9.51
N1 0ZJ K . -2.10 26.79 12.75
CA1 0ZJ K . -1.92 27.75 13.84
C3 0ZJ K . -0.64 27.46 14.59
O1 0ZJ K . -0.22 26.31 14.68
CB1 0ZJ K . -3.17 27.54 14.72
CG1 0ZJ K . -3.67 26.20 14.35
CD 0ZJ K . -3.40 26.09 12.88
N2 0ZJ K . 0.01 28.50 15.13
CA2 0ZJ K . 1.26 28.30 15.84
C4 0ZJ K . 1.11 28.52 17.35
CB2 0ZJ K . 2.34 29.23 15.29
CG2 0ZJ K . 2.75 28.90 13.86
CD3 0ZJ K . 3.82 29.85 13.35
NE 0ZJ K . 4.45 29.30 12.15
CZ1 0ZJ K . 5.37 29.93 11.42
NH1 0ZJ K . 5.77 31.16 11.77
NH2 0ZJ K . 5.94 29.31 10.38
O3 0ZJ K . 2.12 28.53 18.06
CM 0ZJ K . -0.31 28.45 17.93
HG HG L . 1.69 20.87 9.25
HG HG M . 0.80 23.20 7.12
N1 IMD N . -2.45 8.62 -3.76
C2 IMD N . -2.02 9.86 -3.62
N3 IMD N . -1.67 10.36 -4.85
C4 IMD N . -1.90 9.38 -5.77
C5 IMD N . -2.38 8.29 -5.13
N1 IMD O . -11.98 22.17 47.69
C2 IMD O . -12.76 22.70 48.62
N3 IMD O . -12.03 22.97 49.74
C4 IMD O . -10.74 22.59 49.49
C5 IMD O . -10.67 22.09 48.22
N1 IMD P . 9.05 27.57 57.27
C2 IMD P . 8.52 27.43 58.49
N3 IMD P . 7.89 26.23 58.59
C4 IMD P . 8.05 25.59 57.37
C5 IMD P . 8.76 26.39 56.54
#